data_5UI4
#
_entry.id   5UI4
#
_cell.length_a   60.462
_cell.length_b   68.058
_cell.length_c   69.682
_cell.angle_alpha   113.65
_cell.angle_beta   98.20
_cell.angle_gamma   112.46
#
_symmetry.space_group_name_H-M   'P 1'
#
loop_
_entity.id
_entity.type
_entity.pdbx_description
1 polymer 'Nucleoside diphosphate kinase A'
2 non-polymer '4-[4-(3-methoxyphenyl)-1-(prop-2-yn-1-yl)-1H-imidazol-5-yl]phenyl sulfurofluoridate'
3 water water
#
_entity_poly.entity_id   1
_entity_poly.type   'polypeptide(L)'
_entity_poly.pdbx_seq_one_letter_code
;MHHHHHHMANCERTFIAIKPDGVQRGLVGEIIKRFEQKGFRLVGLKFMQASEDLLKEHYVDLKDRPFFAGLVKYMHSGPV
VAMVWEGLNVVKTGRVMLGETNPADSKPGTIRGDFCIQVGRNIIHGSDSVESAEKEIGLWFHPEELVDYTSCAQNWIYE
;
_entity_poly.pdbx_strand_id   A,B,C,D,E,F
#
# COMPACT_ATOMS: atom_id res chain seq x y z
N ASN A 10 -15.69 14.98 -21.20
CA ASN A 10 -14.38 15.37 -20.60
C ASN A 10 -14.54 16.22 -19.33
N CYS A 11 -15.53 17.13 -19.35
CA CYS A 11 -16.00 17.80 -18.14
C CYS A 11 -17.24 17.10 -17.55
N GLU A 12 -17.40 15.80 -17.82
CA GLU A 12 -18.53 14.99 -17.35
C GLU A 12 -18.35 14.72 -15.86
N ARG A 13 -19.46 14.60 -15.16
CA ARG A 13 -19.43 14.41 -13.71
C ARG A 13 -20.28 13.21 -13.29
N THR A 14 -19.86 12.57 -12.20
CA THR A 14 -20.62 11.47 -11.58
C THR A 14 -20.74 11.74 -10.08
N PHE A 15 -21.77 11.16 -9.49
CA PHE A 15 -21.98 11.23 -8.04
C PHE A 15 -21.60 9.89 -7.44
N ILE A 16 -20.63 9.91 -6.52
CA ILE A 16 -20.19 8.74 -5.76
C ILE A 16 -20.53 8.97 -4.29
N ALA A 17 -21.07 7.95 -3.64
CA ALA A 17 -21.45 8.03 -2.23
C ALA A 17 -20.96 6.81 -1.46
N ILE A 18 -20.08 7.03 -0.47
CA ILE A 18 -19.63 5.95 0.42
C ILE A 18 -20.73 5.71 1.45
N LYS A 19 -21.34 4.53 1.40
CA LYS A 19 -22.41 4.13 2.30
C LYS A 19 -21.92 4.06 3.75
N PRO A 20 -22.85 4.06 4.73
CA PRO A 20 -22.47 3.99 6.19
C PRO A 20 -21.49 2.86 6.62
N ASP A 21 -21.71 1.65 6.12
CA ASP A 21 -20.76 0.55 6.34
C ASP A 21 -19.35 0.86 5.84
N GLY A 22 -19.25 1.56 4.71
CA GLY A 22 -17.96 1.99 4.16
C GLY A 22 -17.24 2.96 5.08
N VAL A 23 -17.98 3.89 5.68
CA VAL A 23 -17.44 4.85 6.65
C VAL A 23 -17.04 4.13 7.94
N GLN A 24 -17.96 3.32 8.45
CA GLN A 24 -17.75 2.53 9.68
C GLN A 24 -16.54 1.59 9.63
N ARG A 25 -16.29 1.00 8.46
CA ARG A 25 -15.20 0.03 8.28
C ARG A 25 -13.85 0.65 7.88
N GLY A 26 -13.85 1.96 7.63
CA GLY A 26 -12.62 2.74 7.47
C GLY A 26 -12.06 2.74 6.06
N LEU A 27 -12.94 2.91 5.08
CA LEU A 27 -12.55 2.81 3.68
C LEU A 27 -12.64 4.13 2.92
N VAL A 28 -12.84 5.24 3.64
CA VAL A 28 -13.07 6.54 3.02
C VAL A 28 -11.84 6.96 2.24
N GLY A 29 -10.70 6.95 2.93
CA GLY A 29 -9.42 7.28 2.32
C GLY A 29 -9.03 6.33 1.21
N GLU A 30 -9.22 5.05 1.46
CA GLU A 30 -8.92 4.01 0.48
C GLU A 30 -9.71 4.20 -0.83
N ILE A 31 -11.00 4.50 -0.70
CA ILE A 31 -11.87 4.72 -1.85
C ILE A 31 -11.49 6.00 -2.60
N ILE A 32 -11.36 7.11 -1.87
CA ILE A 32 -10.97 8.40 -2.47
C ILE A 32 -9.63 8.29 -3.21
N LYS A 33 -8.68 7.57 -2.61
CA LYS A 33 -7.36 7.33 -3.20
C LYS A 33 -7.43 6.73 -4.60
N ARG A 34 -8.37 5.80 -4.81
CA ARG A 34 -8.54 5.16 -6.13
C ARG A 34 -8.99 6.10 -7.24
N PHE A 35 -9.91 7.00 -6.91
CA PHE A 35 -10.33 8.05 -7.85
C PHE A 35 -9.23 9.07 -8.12
N GLU A 36 -8.46 9.41 -7.09
CA GLU A 36 -7.34 10.35 -7.24
C GLU A 36 -6.25 9.78 -8.15
N GLN A 37 -5.75 8.59 -7.81
CA GLN A 37 -4.68 7.96 -8.57
C GLN A 37 -5.08 7.58 -9.99
N LYS A 38 -6.36 7.34 -10.22
CA LYS A 38 -6.91 7.11 -11.55
C LYS A 38 -6.75 8.31 -12.48
N GLY A 39 -6.88 9.52 -11.92
CA GLY A 39 -6.75 10.77 -12.67
C GLY A 39 -7.94 11.71 -12.58
N PHE A 40 -9.06 11.25 -12.03
CA PHE A 40 -10.28 12.07 -11.93
C PHE A 40 -10.12 13.18 -10.91
N ARG A 41 -10.86 14.27 -11.11
CA ARG A 41 -10.75 15.49 -10.32
C ARG A 41 -11.87 15.54 -9.28
N LEU A 42 -11.51 15.74 -8.01
CA LEU A 42 -12.52 15.89 -6.96
C LEU A 42 -13.17 17.25 -7.07
N VAL A 43 -14.50 17.25 -7.24
CA VAL A 43 -15.28 18.46 -7.45
C VAL A 43 -16.07 18.83 -6.21
N GLY A 44 -16.68 17.83 -5.57
CA GLY A 44 -17.45 18.05 -4.35
C GLY A 44 -17.22 16.91 -3.36
N LEU A 45 -17.34 17.24 -2.08
CA LEU A 45 -17.11 16.29 -1.00
C LEU A 45 -17.75 16.81 0.27
N LYS A 46 -18.56 15.98 0.91
CA LYS A 46 -19.19 16.35 2.18
C LYS A 46 -19.64 15.12 2.96
N PHE A 47 -19.77 15.31 4.27
CA PHE A 47 -20.03 14.24 5.21
C PHE A 47 -21.32 14.60 5.94
N MET A 48 -22.34 13.76 5.78
CA MET A 48 -23.69 14.09 6.21
C MET A 48 -24.48 12.84 6.54
N GLN A 49 -25.37 12.96 7.51
CA GLN A 49 -26.39 11.95 7.72
C GLN A 49 -27.57 12.30 6.82
N ALA A 50 -27.86 11.43 5.85
CA ALA A 50 -28.93 11.66 4.88
C ALA A 50 -30.30 11.41 5.51
N SER A 51 -31.25 12.29 5.21
CA SER A 51 -32.64 12.14 5.63
C SER A 51 -33.33 11.10 4.75
N GLU A 52 -34.41 10.51 5.26
CA GLU A 52 -35.18 9.50 4.52
C GLU A 52 -35.84 10.03 3.25
N ASP A 53 -36.25 11.30 3.26
CA ASP A 53 -36.82 11.94 2.07
C ASP A 53 -35.79 12.10 0.96
N LEU A 54 -34.55 12.42 1.32
CA LEU A 54 -33.43 12.46 0.37
C LEU A 54 -33.15 11.08 -0.22
N LEU A 55 -33.07 10.07 0.65
CA LEU A 55 -32.78 8.70 0.23
C LEU A 55 -33.89 8.09 -0.65
N LYS A 56 -35.14 8.36 -0.29
CA LYS A 56 -36.30 7.89 -1.07
C LYS A 56 -36.36 8.50 -2.47
N GLU A 57 -35.98 9.77 -2.59
CA GLU A 57 -35.90 10.42 -3.90
C GLU A 57 -34.72 9.88 -4.72
N HIS A 58 -33.58 9.69 -4.05
CA HIS A 58 -32.36 9.17 -4.68
C HIS A 58 -32.55 7.76 -5.22
N TYR A 59 -33.17 6.88 -4.43
CA TYR A 59 -33.45 5.50 -4.84
C TYR A 59 -34.91 5.31 -5.32
N VAL A 60 -35.45 6.31 -6.01
CA VAL A 60 -36.87 6.30 -6.42
C VAL A 60 -37.20 5.20 -7.45
N ASP A 61 -36.24 4.85 -8.30
CA ASP A 61 -36.43 3.76 -9.27
C ASP A 61 -36.59 2.41 -8.61
N LEU A 62 -36.08 2.26 -7.38
CA LEU A 62 -36.23 1.03 -6.59
C LEU A 62 -37.37 1.09 -5.56
N LYS A 63 -38.21 2.12 -5.62
CA LYS A 63 -39.32 2.34 -4.69
C LYS A 63 -40.15 1.08 -4.33
N ASP A 64 -40.59 0.34 -5.34
CA ASP A 64 -41.44 -0.84 -5.13
C ASP A 64 -40.69 -2.15 -5.33
N ARG A 65 -39.57 -2.25 -4.63
CA ARG A 65 -38.78 -3.47 -4.54
C ARG A 65 -38.89 -3.99 -3.12
N PRO A 66 -38.79 -5.32 -2.92
CA PRO A 66 -38.92 -5.90 -1.57
C PRO A 66 -37.92 -5.39 -0.52
N PHE A 67 -36.71 -5.02 -0.96
CA PHE A 67 -35.65 -4.52 -0.07
C PHE A 67 -35.71 -3.02 0.24
N PHE A 68 -36.50 -2.26 -0.51
CA PHE A 68 -36.48 -0.77 -0.48
C PHE A 68 -36.59 -0.15 0.92
N ALA A 69 -37.46 -0.70 1.76
CA ALA A 69 -37.62 -0.24 3.14
C ALA A 69 -36.31 -0.38 3.91
N GLY A 70 -35.74 -1.58 3.84
CA GLY A 70 -34.47 -1.90 4.50
C GLY A 70 -33.27 -1.14 3.98
N LEU A 71 -33.27 -0.86 2.67
CA LEU A 71 -32.25 0.00 2.02
C LEU A 71 -32.25 1.39 2.62
N VAL A 72 -33.43 2.01 2.66
CA VAL A 72 -33.60 3.36 3.21
C VAL A 72 -33.19 3.43 4.70
N LYS A 73 -33.44 2.36 5.47
CA LYS A 73 -33.05 2.31 6.92
C LYS A 73 -31.55 2.22 7.05
N TYR A 74 -30.95 1.26 6.34
CA TYR A 74 -29.50 1.05 6.27
C TYR A 74 -28.74 2.32 5.91
N MET A 75 -29.22 3.03 4.89
CA MET A 75 -28.60 4.28 4.44
C MET A 75 -28.81 5.46 5.38
N HIS A 76 -29.87 5.42 6.19
CA HIS A 76 -30.14 6.43 7.22
C HIS A 76 -29.36 6.15 8.51
N SER A 77 -28.96 4.89 8.73
CA SER A 77 -28.39 4.43 10.01
C SER A 77 -27.11 5.13 10.49
N GLY A 78 -26.25 5.49 9.54
CA GLY A 78 -25.02 6.23 9.85
C GLY A 78 -24.77 7.31 8.82
N PRO A 79 -23.66 8.05 8.95
CA PRO A 79 -23.33 9.06 7.95
C PRO A 79 -22.72 8.49 6.68
N VAL A 80 -22.81 9.26 5.61
CA VAL A 80 -22.23 8.91 4.31
C VAL A 80 -21.28 10.01 3.86
N VAL A 81 -20.29 9.64 3.05
CA VAL A 81 -19.44 10.61 2.37
C VAL A 81 -20.01 10.76 0.96
N ALA A 82 -20.64 11.89 0.71
CA ALA A 82 -21.14 12.23 -0.62
C ALA A 82 -20.03 12.92 -1.39
N MET A 83 -19.86 12.56 -2.66
CA MET A 83 -18.79 13.09 -3.52
C MET A 83 -19.24 13.36 -4.95
N VAL A 84 -18.49 14.23 -5.64
CA VAL A 84 -18.67 14.47 -7.07
C VAL A 84 -17.30 14.49 -7.71
N TRP A 85 -17.11 13.66 -8.74
CA TRP A 85 -15.83 13.51 -9.45
C TRP A 85 -16.00 13.87 -10.93
N GLU A 86 -14.98 14.49 -11.50
CA GLU A 86 -15.03 14.94 -12.90
C GLU A 86 -13.99 14.24 -13.78
N GLY A 87 -14.38 13.94 -15.02
CA GLY A 87 -13.45 13.50 -16.06
C GLY A 87 -14.10 12.75 -17.20
N LEU A 88 -13.30 12.41 -18.21
CA LEU A 88 -13.77 11.67 -19.39
C LEU A 88 -14.38 10.33 -19.00
N ASN A 89 -15.66 10.15 -19.32
CA ASN A 89 -16.40 8.92 -19.01
C ASN A 89 -16.31 8.53 -17.55
N VAL A 90 -16.36 9.53 -16.67
CA VAL A 90 -16.27 9.30 -15.24
C VAL A 90 -17.45 8.47 -14.73
N VAL A 91 -18.62 8.62 -15.34
CA VAL A 91 -19.80 7.84 -14.92
C VAL A 91 -19.61 6.35 -15.23
N LYS A 92 -19.24 6.05 -16.48
CA LYS A 92 -19.05 4.67 -16.92
C LYS A 92 -17.85 4.03 -16.25
N THR A 93 -16.69 4.71 -16.33
CA THR A 93 -15.46 4.21 -15.71
C THR A 93 -15.58 4.13 -14.17
N GLY A 94 -16.27 5.08 -13.57
CA GLY A 94 -16.55 5.06 -12.15
C GLY A 94 -17.32 3.83 -11.73
N ARG A 95 -18.36 3.52 -12.49
CA ARG A 95 -19.12 2.28 -12.30
C ARG A 95 -18.26 1.02 -12.40
N VAL A 96 -17.33 1.00 -13.36
CA VAL A 96 -16.40 -0.10 -13.55
C VAL A 96 -15.47 -0.27 -12.33
N MET A 97 -14.93 0.84 -11.86
CA MET A 97 -14.06 0.85 -10.66
C MET A 97 -14.78 0.37 -9.41
N LEU A 98 -16.05 0.75 -9.26
CA LEU A 98 -16.89 0.25 -8.16
C LEU A 98 -17.08 -1.26 -8.22
N GLY A 99 -17.25 -1.77 -9.45
CA GLY A 99 -17.55 -3.19 -9.68
C GLY A 99 -19.05 -3.37 -9.68
N GLU A 100 -19.49 -4.62 -9.82
CA GLU A 100 -20.92 -4.94 -9.93
C GLU A 100 -21.62 -4.63 -8.62
N THR A 101 -22.89 -4.22 -8.71
CA THR A 101 -23.67 -3.78 -7.53
C THR A 101 -23.72 -4.88 -6.47
N ASN A 102 -23.93 -6.11 -6.91
CA ASN A 102 -23.78 -7.27 -6.04
C ASN A 102 -22.29 -7.59 -5.94
N PRO A 103 -21.73 -7.54 -4.71
CA PRO A 103 -20.31 -7.87 -4.55
C PRO A 103 -19.93 -9.31 -4.92
N ALA A 104 -20.90 -10.23 -4.86
CA ALA A 104 -20.72 -11.60 -5.35
C ALA A 104 -20.20 -11.64 -6.80
N ASP A 105 -20.67 -10.72 -7.63
CA ASP A 105 -20.26 -10.63 -9.03
C ASP A 105 -19.03 -9.75 -9.26
N SER A 106 -18.69 -8.91 -8.28
CA SER A 106 -17.61 -7.93 -8.42
C SER A 106 -16.24 -8.59 -8.52
N LYS A 107 -15.41 -8.07 -9.41
CA LYS A 107 -14.08 -8.63 -9.68
C LYS A 107 -13.07 -8.09 -8.70
N PRO A 108 -12.05 -8.91 -8.34
CA PRO A 108 -10.91 -8.37 -7.62
C PRO A 108 -10.27 -7.24 -8.43
N GLY A 109 -9.83 -6.20 -7.72
CA GLY A 109 -9.40 -4.95 -8.33
C GLY A 109 -10.42 -3.82 -8.19
N THR A 110 -11.71 -4.17 -8.16
CA THR A 110 -12.78 -3.20 -7.95
C THR A 110 -12.99 -2.93 -6.47
N ILE A 111 -13.62 -1.80 -6.15
CA ILE A 111 -13.83 -1.37 -4.76
C ILE A 111 -14.69 -2.39 -3.99
N ARG A 112 -15.85 -2.72 -4.55
CA ARG A 112 -16.73 -3.73 -3.93
C ARG A 112 -16.07 -5.12 -3.94
N GLY A 113 -15.37 -5.44 -5.03
CA GLY A 113 -14.68 -6.71 -5.15
C GLY A 113 -13.60 -6.90 -4.12
N ASP A 114 -12.86 -5.84 -3.81
CA ASP A 114 -11.81 -5.88 -2.81
C ASP A 114 -12.31 -5.78 -1.37
N PHE A 115 -13.39 -5.04 -1.13
CA PHE A 115 -13.74 -4.58 0.24
C PHE A 115 -15.09 -5.00 0.86
N CYS A 116 -15.94 -5.73 0.16
CA CYS A 116 -17.23 -6.12 0.75
C CYS A 116 -17.80 -7.42 0.16
N ILE A 117 -18.81 -7.97 0.85
CA ILE A 117 -19.29 -9.35 0.63
C ILE A 117 -20.76 -9.45 0.20
N GLN A 118 -21.65 -8.86 0.99
CA GLN A 118 -23.10 -8.98 0.76
C GLN A 118 -23.67 -7.75 0.07
N VAL A 119 -24.67 -7.97 -0.79
CA VAL A 119 -25.31 -6.90 -1.55
C VAL A 119 -25.96 -5.83 -0.65
N GLY A 120 -26.55 -6.26 0.47
CA GLY A 120 -27.17 -5.35 1.44
C GLY A 120 -26.22 -4.40 2.17
N ARG A 121 -24.93 -4.77 2.21
CA ARG A 121 -23.88 -3.94 2.79
C ARG A 121 -22.74 -3.80 1.77
N ASN A 122 -22.99 -3.05 0.70
CA ASN A 122 -22.04 -2.96 -0.43
C ASN A 122 -21.29 -1.62 -0.54
N ILE A 123 -21.06 -0.98 0.61
CA ILE A 123 -20.08 0.14 0.83
C ILE A 123 -20.07 1.42 -0.03
N ILE A 124 -20.62 1.39 -1.25
CA ILE A 124 -20.48 2.52 -2.17
C ILE A 124 -21.62 2.57 -3.20
N HIS A 125 -21.99 3.77 -3.60
CA HIS A 125 -22.91 4.00 -4.73
C HIS A 125 -22.21 4.84 -5.80
N GLY A 126 -22.49 4.52 -7.06
CA GLY A 126 -22.11 5.36 -8.20
C GLY A 126 -23.30 5.57 -9.13
N SER A 127 -23.33 6.70 -9.82
CA SER A 127 -24.39 6.98 -10.80
C SER A 127 -24.31 6.04 -11.99
N ASP A 128 -25.47 5.51 -12.41
CA ASP A 128 -25.54 4.57 -13.55
C ASP A 128 -25.46 5.24 -14.93
N SER A 129 -25.77 6.53 -15.01
CA SER A 129 -25.74 7.28 -16.28
C SER A 129 -25.56 8.78 -16.07
N VAL A 130 -25.30 9.48 -17.17
CA VAL A 130 -25.13 10.95 -17.15
C VAL A 130 -26.41 11.63 -16.67
N GLU A 131 -27.55 11.14 -17.13
CA GLU A 131 -28.87 11.58 -16.68
C GLU A 131 -29.05 11.44 -15.16
N SER A 132 -28.81 10.23 -14.62
CA SER A 132 -28.88 9.97 -13.17
C SER A 132 -27.86 10.79 -12.40
N ALA A 133 -26.67 10.97 -12.98
CA ALA A 133 -25.60 11.73 -12.34
C ALA A 133 -26.02 13.17 -12.06
N GLU A 134 -26.54 13.85 -13.09
CA GLU A 134 -26.97 15.25 -12.95
C GLU A 134 -28.16 15.40 -11.99
N LYS A 135 -29.05 14.41 -11.94
CA LYS A 135 -30.15 14.40 -10.97
C LYS A 135 -29.64 14.22 -9.54
N GLU A 136 -28.76 13.24 -9.35
CA GLU A 136 -28.17 12.93 -8.04
C GLU A 136 -27.25 14.05 -7.51
N ILE A 137 -26.45 14.65 -8.39
CA ILE A 137 -25.61 15.80 -8.02
C ILE A 137 -26.48 16.96 -7.53
N GLY A 138 -27.47 17.34 -8.33
CA GLY A 138 -28.44 18.40 -7.96
C GLY A 138 -29.18 18.12 -6.67
N LEU A 139 -29.48 16.84 -6.44
CA LEU A 139 -30.17 16.37 -5.24
C LEU A 139 -29.33 16.46 -3.96
N TRP A 140 -28.07 16.04 -4.03
CA TRP A 140 -27.17 15.94 -2.85
C TRP A 140 -26.34 17.20 -2.55
N PHE A 141 -26.14 18.06 -3.55
CA PHE A 141 -25.28 19.25 -3.43
C PHE A 141 -26.00 20.51 -3.87
N HIS A 142 -25.76 21.61 -3.18
CA HIS A 142 -26.07 22.95 -3.70
C HIS A 142 -24.97 23.26 -4.73
N PRO A 143 -25.27 24.06 -5.78
CA PRO A 143 -24.24 24.38 -6.80
C PRO A 143 -23.01 25.14 -6.26
N GLU A 144 -23.21 25.86 -5.16
CA GLU A 144 -22.14 26.63 -4.52
C GLU A 144 -21.10 25.73 -3.87
N GLU A 145 -21.48 24.51 -3.52
CA GLU A 145 -20.58 23.52 -2.91
C GLU A 145 -19.68 22.78 -3.91
N LEU A 146 -19.94 22.89 -5.21
CA LEU A 146 -19.13 22.22 -6.23
C LEU A 146 -18.02 23.15 -6.71
N VAL A 147 -16.78 22.78 -6.41
CA VAL A 147 -15.62 23.66 -6.64
C VAL A 147 -15.05 23.44 -8.06
N ASP A 148 -14.73 24.55 -8.73
CA ASP A 148 -14.16 24.54 -10.11
C ASP A 148 -12.67 24.91 -10.00
N TYR A 149 -11.81 24.04 -10.51
CA TYR A 149 -10.37 24.32 -10.60
C TYR A 149 -9.71 23.41 -11.63
N THR A 150 -8.49 23.77 -12.01
CA THR A 150 -7.70 23.04 -13.00
C THR A 150 -6.67 22.18 -12.28
N SER A 151 -6.67 20.88 -12.60
CA SER A 151 -5.63 19.97 -12.11
C SER A 151 -4.30 20.33 -12.76
N CYS A 152 -3.24 20.40 -11.96
CA CYS A 152 -1.89 20.68 -12.46
C CYS A 152 -1.37 19.56 -13.38
N ALA A 153 -1.92 18.35 -13.23
CA ALA A 153 -1.60 17.22 -14.10
C ALA A 153 -2.56 17.06 -15.31
N GLN A 154 -3.38 18.07 -15.60
CA GLN A 154 -4.40 17.96 -16.67
C GLN A 154 -3.81 17.67 -18.06
N ASN A 155 -2.72 18.35 -18.40
CA ASN A 155 -2.06 18.15 -19.70
C ASN A 155 -1.38 16.78 -19.84
N TRP A 156 -1.13 16.10 -18.72
CA TRP A 156 -0.63 14.72 -18.71
C TRP A 156 -1.71 13.65 -18.53
N ILE A 157 -2.95 14.06 -18.22
CA ILE A 157 -4.12 13.18 -18.20
C ILE A 157 -4.89 13.24 -19.53
N TYR A 158 -4.93 14.42 -20.18
CA TYR A 158 -5.61 14.62 -21.49
C TYR A 158 -4.73 15.38 -22.50
N ASN B 10 -23.47 -17.08 5.74
CA ASN B 10 -22.60 -16.26 6.66
C ASN B 10 -21.69 -17.08 7.57
N CYS B 11 -22.08 -18.33 7.85
CA CYS B 11 -21.27 -19.29 8.61
C CYS B 11 -20.51 -20.29 7.73
N GLU B 12 -20.49 -20.08 6.41
CA GLU B 12 -19.72 -20.94 5.48
C GLU B 12 -18.24 -20.74 5.72
N ARG B 13 -17.46 -21.81 5.58
CA ARG B 13 -16.02 -21.79 5.83
C ARG B 13 -15.27 -22.39 4.64
N THR B 14 -14.10 -21.85 4.35
CA THR B 14 -13.21 -22.37 3.30
C THR B 14 -11.82 -22.64 3.87
N PHE B 15 -11.05 -23.46 3.17
CA PHE B 15 -9.66 -23.72 3.55
C PHE B 15 -8.73 -23.04 2.55
N ILE B 16 -7.98 -22.05 3.04
CA ILE B 16 -6.95 -21.37 2.25
C ILE B 16 -5.58 -21.79 2.79
N ALA B 17 -4.62 -21.97 1.89
CA ALA B 17 -3.28 -22.39 2.25
C ALA B 17 -2.25 -21.65 1.41
N ILE B 18 -1.31 -20.96 2.06
CA ILE B 18 -0.21 -20.29 1.36
C ILE B 18 0.88 -21.34 1.19
N LYS B 19 1.14 -21.75 -0.06
CA LYS B 19 2.15 -22.75 -0.40
C LYS B 19 3.55 -22.30 0.01
N PRO B 20 4.54 -23.21 -0.04
CA PRO B 20 5.95 -22.84 0.35
C PRO B 20 6.62 -21.65 -0.37
N ASP B 21 6.46 -21.57 -1.69
CA ASP B 21 6.93 -20.41 -2.46
C ASP B 21 6.31 -19.09 -1.99
N GLY B 22 5.02 -19.13 -1.61
CA GLY B 22 4.33 -17.96 -1.05
C GLY B 22 4.96 -17.49 0.26
N VAL B 23 5.32 -18.44 1.12
CA VAL B 23 5.97 -18.13 2.38
C VAL B 23 7.39 -17.61 2.13
N GLN B 24 8.14 -18.35 1.31
CA GLN B 24 9.52 -17.98 0.94
C GLN B 24 9.66 -16.59 0.30
N ARG B 25 8.67 -16.21 -0.50
CA ARG B 25 8.71 -14.92 -1.22
C ARG B 25 8.11 -13.73 -0.44
N GLY B 26 7.53 -14.02 0.73
CA GLY B 26 7.13 -12.98 1.68
C GLY B 26 5.74 -12.41 1.44
N LEU B 27 4.79 -13.28 1.14
CA LEU B 27 3.44 -12.87 0.77
C LEU B 27 2.38 -13.23 1.81
N VAL B 28 2.79 -13.69 2.99
CA VAL B 28 1.86 -14.20 4.01
C VAL B 28 0.95 -13.07 4.48
N GLY B 29 1.58 -11.97 4.88
CA GLY B 29 0.85 -10.79 5.33
C GLY B 29 0.00 -10.19 4.22
N GLU B 30 0.59 -10.08 3.03
CA GLU B 30 -0.10 -9.53 1.87
C GLU B 30 -1.37 -10.32 1.54
N ILE B 31 -1.28 -11.65 1.58
CA ILE B 31 -2.42 -12.53 1.30
C ILE B 31 -3.49 -12.43 2.37
N ILE B 32 -3.07 -12.54 3.63
CA ILE B 32 -3.99 -12.44 4.77
C ILE B 32 -4.74 -11.11 4.77
N LYS B 33 -4.01 -10.04 4.45
CA LYS B 33 -4.57 -8.68 4.37
C LYS B 33 -5.76 -8.61 3.44
N ARG B 34 -5.70 -9.31 2.31
CA ARG B 34 -6.78 -9.29 1.31
C ARG B 34 -8.07 -9.92 1.81
N PHE B 35 -7.96 -11.02 2.54
CA PHE B 35 -9.12 -11.65 3.19
C PHE B 35 -9.69 -10.79 4.32
N GLU B 36 -8.82 -10.14 5.08
CA GLU B 36 -9.25 -9.25 6.17
C GLU B 36 -10.01 -8.05 5.64
N GLN B 37 -9.40 -7.32 4.71
CA GLN B 37 -10.01 -6.10 4.16
C GLN B 37 -11.28 -6.38 3.34
N LYS B 38 -11.37 -7.58 2.79
CA LYS B 38 -12.59 -8.03 2.09
C LYS B 38 -13.79 -8.12 3.03
N GLY B 39 -13.56 -8.53 4.27
CA GLY B 39 -14.61 -8.67 5.29
C GLY B 39 -14.72 -10.04 5.94
N PHE B 40 -14.02 -11.04 5.40
CA PHE B 40 -14.08 -12.40 5.92
C PHE B 40 -13.40 -12.52 7.28
N ARG B 41 -13.86 -13.48 8.07
CA ARG B 41 -13.41 -13.66 9.44
C ARG B 41 -12.38 -14.78 9.52
N LEU B 42 -11.22 -14.51 10.12
CA LEU B 42 -10.20 -15.53 10.31
C LEU B 42 -10.66 -16.48 11.42
N VAL B 43 -10.76 -17.76 11.08
CA VAL B 43 -11.24 -18.80 11.99
C VAL B 43 -10.10 -19.68 12.50
N GLY B 44 -9.20 -20.05 11.60
CA GLY B 44 -8.04 -20.87 11.95
C GLY B 44 -6.81 -20.42 11.20
N LEU B 45 -5.65 -20.63 11.81
CA LEU B 45 -4.37 -20.21 11.23
C LEU B 45 -3.24 -20.98 11.91
N LYS B 46 -2.38 -21.60 11.12
CA LYS B 46 -1.24 -22.32 11.66
C LYS B 46 -0.14 -22.50 10.61
N PHE B 47 1.07 -22.70 11.10
CA PHE B 47 2.28 -22.73 10.28
C PHE B 47 2.93 -24.08 10.52
N MET B 48 3.03 -24.88 9.47
CA MET B 48 3.42 -26.29 9.58
C MET B 48 4.08 -26.79 8.32
N GLN B 49 5.03 -27.71 8.49
CA GLN B 49 5.53 -28.48 7.36
C GLN B 49 4.61 -29.69 7.21
N ALA B 50 3.92 -29.75 6.07
CA ALA B 50 2.97 -30.83 5.79
C ALA B 50 3.69 -32.11 5.41
N SER B 51 3.23 -33.23 5.97
CA SER B 51 3.72 -34.57 5.62
C SER B 51 3.16 -34.99 4.26
N GLU B 52 3.86 -35.91 3.61
CA GLU B 52 3.43 -36.43 2.29
C GLU B 52 2.09 -37.16 2.32
N ASP B 53 1.79 -37.85 3.42
CA ASP B 53 0.50 -38.52 3.59
C ASP B 53 -0.66 -37.53 3.67
N LEU B 54 -0.43 -36.41 4.34
CA LEU B 54 -1.41 -35.32 4.38
C LEU B 54 -1.63 -34.71 2.99
N LEU B 55 -0.54 -34.43 2.28
CA LEU B 55 -0.61 -33.83 0.95
C LEU B 55 -1.25 -34.74 -0.09
N LYS B 56 -0.92 -36.03 -0.02
CA LYS B 56 -1.50 -37.05 -0.91
C LYS B 56 -3.02 -37.21 -0.72
N GLU B 57 -3.48 -37.13 0.53
CA GLU B 57 -4.91 -37.17 0.83
CA GLU B 57 -4.90 -37.19 0.87
C GLU B 57 -5.61 -35.89 0.38
N HIS B 58 -4.96 -34.75 0.62
CA HIS B 58 -5.48 -33.44 0.23
C HIS B 58 -5.64 -33.29 -1.30
N TYR B 59 -4.61 -33.71 -2.04
CA TYR B 59 -4.63 -33.67 -3.52
C TYR B 59 -5.02 -35.03 -4.14
N VAL B 60 -5.91 -35.77 -3.50
CA VAL B 60 -6.25 -37.15 -3.93
C VAL B 60 -6.94 -37.22 -5.30
N ASP B 61 -7.72 -36.19 -5.64
CA ASP B 61 -8.36 -36.12 -6.96
C ASP B 61 -7.34 -35.99 -8.10
N LEU B 62 -6.15 -35.48 -7.80
CA LEU B 62 -5.06 -35.36 -8.78
C LEU B 62 -4.04 -36.50 -8.71
N LYS B 63 -4.33 -37.54 -7.94
CA LYS B 63 -3.44 -38.70 -7.75
C LYS B 63 -2.73 -39.25 -9.00
N ASP B 64 -3.51 -39.52 -10.06
CA ASP B 64 -2.96 -40.09 -11.31
C ASP B 64 -2.84 -39.04 -12.43
N ARG B 65 -2.19 -37.91 -12.10
CA ARG B 65 -1.82 -36.86 -13.05
C ARG B 65 -0.31 -36.86 -13.19
N PRO B 66 0.22 -36.44 -14.36
CA PRO B 66 1.68 -36.49 -14.58
C PRO B 66 2.51 -35.64 -13.61
N PHE B 67 1.94 -34.54 -13.11
CA PHE B 67 2.62 -33.64 -12.18
C PHE B 67 2.54 -34.03 -10.70
N PHE B 68 1.65 -34.98 -10.35
CA PHE B 68 1.30 -35.28 -8.95
C PHE B 68 2.49 -35.57 -8.03
N ALA B 69 3.48 -36.31 -8.52
CA ALA B 69 4.70 -36.59 -7.75
C ALA B 69 5.43 -35.29 -7.41
N GLY B 70 5.66 -34.46 -8.43
CA GLY B 70 6.33 -33.18 -8.26
C GLY B 70 5.56 -32.17 -7.43
N LEU B 71 4.23 -32.21 -7.51
CA LEU B 71 3.34 -31.39 -6.66
C LEU B 71 3.55 -31.71 -5.18
N VAL B 72 3.48 -33.01 -4.84
CA VAL B 72 3.67 -33.48 -3.47
C VAL B 72 5.06 -33.13 -2.93
N LYS B 73 6.07 -33.16 -3.79
CA LYS B 73 7.44 -32.82 -3.41
C LYS B 73 7.57 -31.32 -3.10
N TYR B 74 7.11 -30.50 -4.05
CA TYR B 74 7.06 -29.04 -3.94
C TYR B 74 6.36 -28.57 -2.66
N MET B 75 5.22 -29.18 -2.37
CA MET B 75 4.44 -28.84 -1.19
C MET B 75 5.04 -29.33 0.13
N HIS B 76 5.88 -30.37 0.06
CA HIS B 76 6.62 -30.88 1.23
C HIS B 76 7.92 -30.08 1.47
N SER B 77 8.42 -29.41 0.43
CA SER B 77 9.77 -28.79 0.44
C SER B 77 9.98 -27.70 1.51
N GLY B 78 8.95 -26.92 1.80
CA GLY B 78 9.00 -25.90 2.85
C GLY B 78 7.72 -25.89 3.67
N PRO B 79 7.62 -24.98 4.65
CA PRO B 79 6.38 -24.86 5.41
C PRO B 79 5.29 -24.11 4.66
N VAL B 80 4.05 -24.34 5.08
CA VAL B 80 2.86 -23.67 4.55
C VAL B 80 2.11 -22.97 5.67
N VAL B 81 1.39 -21.91 5.33
CA VAL B 81 0.44 -21.29 6.25
C VAL B 81 -0.94 -21.85 5.91
N ALA B 82 -1.44 -22.71 6.77
CA ALA B 82 -2.79 -23.25 6.63
C ALA B 82 -3.77 -22.31 7.33
N MET B 83 -4.91 -22.06 6.69
CA MET B 83 -5.91 -21.10 7.20
C MET B 83 -7.34 -21.57 6.98
N VAL B 84 -8.25 -21.03 7.78
CA VAL B 84 -9.70 -21.23 7.61
C VAL B 84 -10.37 -19.87 7.75
N TRP B 85 -11.17 -19.49 6.74
CA TRP B 85 -11.86 -18.19 6.70
C TRP B 85 -13.36 -18.41 6.61
N GLU B 86 -14.13 -17.55 7.27
CA GLU B 86 -15.59 -17.66 7.32
C GLU B 86 -16.29 -16.48 6.66
N GLY B 87 -17.39 -16.77 5.96
CA GLY B 87 -18.33 -15.74 5.49
C GLY B 87 -19.21 -16.20 4.34
N LEU B 88 -20.13 -15.32 3.94
CA LEU B 88 -21.06 -15.59 2.84
C LEU B 88 -20.31 -15.88 1.54
N ASN B 89 -20.52 -17.08 1.01
CA ASN B 89 -19.88 -17.54 -0.23
C ASN B 89 -18.37 -17.39 -0.19
N VAL B 90 -17.79 -17.68 0.96
CA VAL B 90 -16.34 -17.56 1.14
C VAL B 90 -15.57 -18.54 0.24
N VAL B 91 -16.16 -19.71 -0.05
CA VAL B 91 -15.52 -20.69 -0.92
C VAL B 91 -15.45 -20.17 -2.36
N LYS B 92 -16.59 -19.73 -2.89
CA LYS B 92 -16.66 -19.22 -4.27
C LYS B 92 -15.89 -17.91 -4.42
N THR B 93 -16.17 -16.94 -3.55
CA THR B 93 -15.51 -15.64 -3.58
C THR B 93 -14.00 -15.76 -3.30
N GLY B 94 -13.63 -16.67 -2.40
CA GLY B 94 -12.24 -16.96 -2.10
C GLY B 94 -11.50 -17.43 -3.32
N ARG B 95 -12.10 -18.38 -4.03
CA ARG B 95 -11.58 -18.84 -5.33
C ARG B 95 -11.39 -17.72 -6.35
N VAL B 96 -12.34 -16.80 -6.41
CA VAL B 96 -12.28 -15.63 -7.30
C VAL B 96 -11.09 -14.72 -6.94
N MET B 97 -10.94 -14.44 -5.65
CA MET B 97 -9.83 -13.62 -5.13
C MET B 97 -8.46 -14.25 -5.42
N LEU B 98 -8.37 -15.56 -5.30
CA LEU B 98 -7.15 -16.29 -5.65
C LEU B 98 -6.81 -16.14 -7.15
N GLY B 99 -7.85 -16.17 -7.98
CA GLY B 99 -7.69 -16.15 -9.43
C GLY B 99 -7.61 -17.58 -9.95
N GLU B 100 -7.41 -17.71 -11.26
CA GLU B 100 -7.36 -19.04 -11.90
C GLU B 100 -6.15 -19.83 -11.41
N THR B 101 -6.29 -21.15 -11.31
CA THR B 101 -5.24 -22.02 -10.77
C THR B 101 -3.93 -21.86 -11.54
N ASN B 102 -4.03 -21.78 -12.86
CA ASN B 102 -2.90 -21.40 -13.70
C ASN B 102 -2.76 -19.88 -13.63
N PRO B 103 -1.61 -19.35 -13.14
CA PRO B 103 -1.42 -17.90 -13.11
C PRO B 103 -1.43 -17.22 -14.48
N ALA B 104 -1.10 -17.96 -15.55
CA ALA B 104 -1.21 -17.47 -16.92
C ALA B 104 -2.62 -16.94 -17.22
N ASP B 105 -3.65 -17.58 -16.68
CA ASP B 105 -5.05 -17.17 -16.86
C ASP B 105 -5.53 -16.15 -15.82
N SER B 106 -4.82 -16.03 -14.71
CA SER B 106 -5.24 -15.19 -13.59
C SER B 106 -5.22 -13.71 -13.95
N LYS B 107 -6.25 -12.99 -13.50
CA LYS B 107 -6.41 -11.57 -13.81
C LYS B 107 -5.63 -10.72 -12.81
N PRO B 108 -5.09 -9.57 -13.26
CA PRO B 108 -4.62 -8.57 -12.31
C PRO B 108 -5.71 -8.18 -11.33
N GLY B 109 -5.31 -8.00 -10.06
CA GLY B 109 -6.24 -7.83 -8.95
C GLY B 109 -6.36 -9.07 -8.09
N THR B 110 -6.19 -10.25 -8.68
CA THR B 110 -6.22 -11.53 -7.95
C THR B 110 -4.84 -11.83 -7.36
N ILE B 111 -4.80 -12.69 -6.36
CA ILE B 111 -3.55 -13.02 -5.64
C ILE B 111 -2.53 -13.65 -6.58
N ARG B 112 -2.92 -14.70 -7.28
CA ARG B 112 -2.04 -15.33 -8.27
C ARG B 112 -1.72 -14.38 -9.42
N GLY B 113 -2.70 -13.61 -9.85
CA GLY B 113 -2.52 -12.66 -10.94
C GLY B 113 -1.51 -11.58 -10.62
N ASP B 114 -1.53 -11.11 -9.37
CA ASP B 114 -0.60 -10.09 -8.91
C ASP B 114 0.79 -10.63 -8.56
N PHE B 115 0.88 -11.85 -8.03
CA PHE B 115 2.09 -12.32 -7.33
C PHE B 115 2.85 -13.55 -7.84
N CYS B 116 2.40 -14.19 -8.92
CA CYS B 116 3.12 -15.39 -9.42
C CYS B 116 2.90 -15.64 -10.90
N ILE B 117 3.75 -16.51 -11.47
CA ILE B 117 3.91 -16.66 -12.92
C ILE B 117 3.58 -18.08 -13.46
N GLN B 118 4.22 -19.09 -12.89
CA GLN B 118 4.11 -20.48 -13.38
C GLN B 118 3.13 -21.29 -12.53
N VAL B 119 2.39 -22.20 -13.18
CA VAL B 119 1.41 -23.05 -12.51
C VAL B 119 2.03 -23.94 -11.41
N GLY B 120 3.24 -24.44 -11.66
CA GLY B 120 3.97 -25.26 -10.67
C GLY B 120 4.39 -24.55 -9.40
N ARG B 121 4.49 -23.22 -9.45
CA ARG B 121 4.78 -22.38 -8.29
C ARG B 121 3.72 -21.29 -8.17
N ASN B 122 2.51 -21.68 -7.81
CA ASN B 122 1.34 -20.76 -7.80
C ASN B 122 0.85 -20.33 -6.38
N ILE B 123 1.79 -20.27 -5.44
CA ILE B 123 1.68 -19.55 -4.12
C ILE B 123 0.51 -19.79 -3.15
N ILE B 124 -0.63 -20.31 -3.61
CA ILE B 124 -1.81 -20.41 -2.76
C ILE B 124 -2.77 -21.51 -3.23
N HIS B 125 -3.47 -22.15 -2.28
CA HIS B 125 -4.57 -23.07 -2.56
C HIS B 125 -5.85 -22.56 -1.90
N GLY B 126 -6.98 -22.72 -2.60
CA GLY B 126 -8.31 -22.51 -2.02
C GLY B 126 -9.21 -23.70 -2.33
N SER B 127 -10.18 -23.96 -1.44
CA SER B 127 -11.14 -25.05 -1.65
C SER B 127 -12.05 -24.74 -2.84
N ASP B 128 -12.28 -25.74 -3.68
CA ASP B 128 -13.12 -25.59 -4.88
C ASP B 128 -14.63 -25.63 -4.62
N SER B 129 -15.03 -26.22 -3.49
CA SER B 129 -16.45 -26.34 -3.12
C SER B 129 -16.64 -26.50 -1.61
N VAL B 130 -17.89 -26.38 -1.17
CA VAL B 130 -18.27 -26.53 0.24
C VAL B 130 -17.91 -27.95 0.72
N GLU B 131 -18.18 -28.94 -0.12
CA GLU B 131 -17.81 -30.34 0.12
C GLU B 131 -16.30 -30.51 0.36
N SER B 132 -15.49 -30.02 -0.58
CA SER B 132 -14.03 -30.06 -0.46
C SER B 132 -13.54 -29.26 0.74
N ALA B 133 -14.18 -28.13 1.02
CA ALA B 133 -13.81 -27.26 2.14
C ALA B 133 -13.90 -28.00 3.46
N GLU B 134 -15.04 -28.63 3.72
CA GLU B 134 -15.24 -29.38 4.97
C GLU B 134 -14.31 -30.58 5.10
N LYS B 135 -13.97 -31.22 3.99
CA LYS B 135 -13.00 -32.32 3.99
C LYS B 135 -11.59 -31.80 4.31
N GLU B 136 -11.19 -30.73 3.64
CA GLU B 136 -9.87 -30.12 3.81
C GLU B 136 -9.68 -29.48 5.20
N ILE B 137 -10.71 -28.81 5.71
CA ILE B 137 -10.69 -28.26 7.09
C ILE B 137 -10.47 -29.37 8.11
N GLY B 138 -11.31 -30.41 8.03
CA GLY B 138 -11.18 -31.59 8.90
C GLY B 138 -9.83 -32.29 8.81
N LEU B 139 -9.27 -32.30 7.60
CA LEU B 139 -7.97 -32.90 7.34
C LEU B 139 -6.78 -32.12 7.95
N TRP B 140 -6.80 -30.79 7.79
CA TRP B 140 -5.67 -29.93 8.21
C TRP B 140 -5.74 -29.40 9.65
N PHE B 141 -6.93 -29.37 10.25
CA PHE B 141 -7.16 -28.78 11.58
C PHE B 141 -7.89 -29.77 12.49
N HIS B 142 -7.51 -29.78 13.77
CA HIS B 142 -8.35 -30.39 14.80
C HIS B 142 -9.46 -29.36 15.09
N PRO B 143 -10.68 -29.82 15.49
CA PRO B 143 -11.78 -28.87 15.75
C PRO B 143 -11.51 -27.85 16.89
N GLU B 144 -10.63 -28.23 17.81
CA GLU B 144 -10.24 -27.37 18.94
C GLU B 144 -9.42 -26.16 18.48
N GLU B 145 -8.76 -26.27 17.34
CA GLU B 145 -7.94 -25.18 16.77
C GLU B 145 -8.75 -24.11 16.02
N LEU B 146 -10.03 -24.37 15.73
CA LEU B 146 -10.88 -23.42 15.01
C LEU B 146 -11.64 -22.53 15.99
N VAL B 147 -11.28 -21.24 16.00
CA VAL B 147 -11.79 -20.30 17.01
C VAL B 147 -13.10 -19.66 16.56
N ASP B 148 -14.03 -19.57 17.51
CA ASP B 148 -15.34 -18.99 17.28
C ASP B 148 -15.41 -17.63 17.96
N TYR B 149 -15.74 -16.59 17.20
CA TYR B 149 -15.99 -15.26 17.75
C TYR B 149 -16.79 -14.39 16.78
N THR B 150 -17.32 -13.29 17.29
CA THR B 150 -18.13 -12.38 16.48
C THR B 150 -17.27 -11.14 16.10
N SER B 151 -17.21 -10.85 14.80
CA SER B 151 -16.54 -9.64 14.31
C SER B 151 -17.32 -8.41 14.77
N CYS B 152 -16.59 -7.40 15.26
CA CYS B 152 -17.20 -6.14 15.68
C CYS B 152 -17.82 -5.36 14.52
N ALA B 153 -17.36 -5.64 13.30
CA ALA B 153 -17.91 -5.06 12.07
C ALA B 153 -18.99 -5.93 11.40
N GLN B 154 -19.50 -6.97 12.09
CA GLN B 154 -20.45 -7.91 11.48
C GLN B 154 -21.74 -7.25 10.97
N ASN B 155 -22.30 -6.33 11.76
CA ASN B 155 -23.52 -5.62 11.37
C ASN B 155 -23.34 -4.66 10.19
N TRP B 156 -22.09 -4.28 9.90
CA TRP B 156 -21.74 -3.48 8.72
C TRP B 156 -21.24 -4.31 7.52
N ILE B 157 -20.99 -5.60 7.72
CA ILE B 157 -20.66 -6.55 6.64
C ILE B 157 -21.88 -7.35 6.17
N TYR B 158 -22.68 -7.83 7.13
CA TYR B 158 -23.89 -8.57 6.82
C TYR B 158 -25.09 -7.84 7.40
N GLU B 159 -26.22 -7.92 6.72
CA GLU B 159 -27.46 -7.34 7.23
C GLU B 159 -27.92 -8.23 8.38
N ASN C 10 11.52 -20.04 -20.65
CA ASN C 10 11.16 -18.91 -19.73
C ASN C 10 12.30 -17.88 -19.47
N CYS C 11 13.09 -17.64 -20.50
CA CYS C 11 14.05 -16.54 -20.51
C CYS C 11 13.59 -15.48 -21.52
N GLU C 12 12.30 -15.51 -21.90
CA GLU C 12 11.69 -14.44 -22.70
C GLU C 12 11.96 -13.09 -22.08
N ARG C 13 12.19 -12.08 -22.91
CA ARG C 13 12.27 -10.71 -22.47
C ARG C 13 11.18 -9.91 -23.18
N THR C 14 10.69 -8.87 -22.52
CA THR C 14 9.76 -7.90 -23.12
C THR C 14 10.24 -6.49 -22.83
N PHE C 15 9.99 -5.57 -23.76
CA PHE C 15 10.30 -4.17 -23.56
C PHE C 15 9.08 -3.46 -22.96
N ILE C 16 9.26 -2.86 -21.79
CA ILE C 16 8.24 -2.01 -21.16
C ILE C 16 8.80 -0.59 -21.07
N ALA C 17 8.00 0.41 -21.44
CA ALA C 17 8.39 1.82 -21.32
C ALA C 17 7.32 2.61 -20.55
N ILE C 18 7.75 3.43 -19.58
CA ILE C 18 6.84 4.33 -18.87
C ILE C 18 6.87 5.66 -19.61
N LYS C 19 5.74 5.99 -20.25
CA LYS C 19 5.55 7.21 -21.02
C LYS C 19 5.77 8.47 -20.16
N PRO C 20 5.95 9.64 -20.81
CA PRO C 20 6.18 10.93 -20.05
C PRO C 20 5.13 11.33 -18.98
N ASP C 21 3.85 11.17 -19.30
CA ASP C 21 2.77 11.36 -18.33
C ASP C 21 2.91 10.45 -17.09
N GLY C 22 3.33 9.21 -17.31
CA GLY C 22 3.59 8.26 -16.22
C GLY C 22 4.69 8.74 -15.28
N VAL C 23 5.77 9.28 -15.86
CA VAL C 23 6.88 9.85 -15.10
C VAL C 23 6.44 11.11 -14.36
N GLN C 24 5.79 12.02 -15.09
CA GLN C 24 5.28 13.29 -14.55
C GLN C 24 4.28 13.13 -13.39
N ARG C 25 3.45 12.08 -13.46
CA ARG C 25 2.42 11.83 -12.44
C ARG C 25 2.89 10.96 -11.25
N GLY C 26 4.11 10.45 -11.33
CA GLY C 26 4.77 9.80 -10.19
C GLY C 26 4.45 8.33 -10.04
N LEU C 27 4.44 7.60 -11.15
CA LEU C 27 4.03 6.20 -11.16
C LEU C 27 5.18 5.22 -11.48
N VAL C 28 6.42 5.71 -11.48
CA VAL C 28 7.58 4.91 -11.89
C VAL C 28 7.79 3.76 -10.91
N GLY C 29 7.86 4.11 -9.62
CA GLY C 29 7.99 3.12 -8.56
C GLY C 29 6.80 2.18 -8.48
N GLU C 30 5.61 2.76 -8.56
CA GLU C 30 4.38 1.97 -8.53
C GLU C 30 4.33 0.91 -9.64
N ILE C 31 4.71 1.31 -10.85
CA ILE C 31 4.72 0.41 -12.01
C ILE C 31 5.79 -0.67 -11.88
N ILE C 32 7.02 -0.26 -11.56
CA ILE C 32 8.13 -1.21 -11.35
C ILE C 32 7.80 -2.24 -10.26
N LYS C 33 7.19 -1.77 -9.18
CA LYS C 33 6.76 -2.61 -8.06
C LYS C 33 5.91 -3.78 -8.52
N ARG C 34 4.99 -3.53 -9.46
CA ARG C 34 4.08 -4.57 -9.96
C ARG C 34 4.79 -5.71 -10.69
N PHE C 35 5.78 -5.36 -11.50
CA PHE C 35 6.62 -6.36 -12.17
C PHE C 35 7.49 -7.13 -11.18
N GLU C 36 8.00 -6.44 -10.17
CA GLU C 36 8.85 -7.08 -9.16
C GLU C 36 8.05 -8.08 -8.34
N GLN C 37 6.94 -7.63 -7.76
CA GLN C 37 6.10 -8.50 -6.91
C GLN C 37 5.45 -9.65 -7.69
N LYS C 38 5.24 -9.47 -8.99
CA LYS C 38 4.75 -10.53 -9.86
C LYS C 38 5.73 -11.71 -9.96
N GLY C 39 7.02 -11.41 -9.96
CA GLY C 39 8.09 -12.42 -10.06
C GLY C 39 9.09 -12.24 -11.19
N PHE C 40 8.81 -11.31 -12.11
CA PHE C 40 9.68 -11.07 -13.26
C PHE C 40 10.98 -10.40 -12.84
N ARG C 41 12.03 -10.63 -13.63
CA ARG C 41 13.38 -10.17 -13.33
C ARG C 41 13.69 -8.91 -14.12
N LEU C 42 14.14 -7.86 -13.44
CA LEU C 42 14.56 -6.63 -14.13
C LEU C 42 15.90 -6.88 -14.82
N VAL C 43 15.92 -6.68 -16.14
CA VAL C 43 17.09 -6.94 -16.97
C VAL C 43 17.76 -5.63 -17.39
N GLY C 44 16.96 -4.66 -17.79
CA GLY C 44 17.45 -3.34 -18.21
C GLY C 44 16.56 -2.23 -17.71
N LEU C 45 17.15 -1.06 -17.49
CA LEU C 45 16.43 0.10 -16.98
C LEU C 45 17.23 1.35 -17.26
N LYS C 46 16.60 2.35 -17.86
CA LYS C 46 17.26 3.63 -18.13
C LYS C 46 16.24 4.74 -18.34
N PHE C 47 16.71 5.96 -18.13
CA PHE C 47 15.88 7.15 -18.11
C PHE C 47 16.45 8.09 -19.16
N MET C 48 15.63 8.39 -20.17
CA MET C 48 16.11 9.08 -21.36
C MET C 48 14.99 9.87 -22.03
N GLN C 49 15.34 11.00 -22.63
CA GLN C 49 14.44 11.68 -23.55
C GLN C 49 14.66 11.07 -24.92
N ALA C 50 13.61 10.43 -25.44
CA ALA C 50 13.67 9.75 -26.74
C ALA C 50 13.61 10.76 -27.87
N SER C 51 14.47 10.56 -28.88
CA SER C 51 14.45 11.35 -30.12
C SER C 51 13.28 10.92 -31.00
N GLU C 52 12.86 11.80 -31.90
CA GLU C 52 11.76 11.52 -32.82
C GLU C 52 12.04 10.37 -33.80
N ASP C 53 13.30 10.23 -34.21
CA ASP C 53 13.70 9.12 -35.09
C ASP C 53 13.57 7.77 -34.40
N LEU C 54 13.91 7.73 -33.11
CA LEU C 54 13.71 6.52 -32.29
C LEU C 54 12.22 6.19 -32.15
N LEU C 55 11.41 7.20 -31.84
CA LEU C 55 9.97 7.01 -31.64
C LEU C 55 9.24 6.61 -32.93
N LYS C 56 9.64 7.22 -34.04
CA LYS C 56 9.07 6.89 -35.36
C LYS C 56 9.37 5.46 -35.79
N GLU C 57 10.57 4.98 -35.47
CA GLU C 57 10.94 3.58 -35.75
C GLU C 57 10.19 2.62 -34.84
N HIS C 58 10.09 2.99 -33.57
CA HIS C 58 9.40 2.19 -32.54
C HIS C 58 7.91 2.03 -32.86
N TYR C 59 7.24 3.12 -33.21
CA TYR C 59 5.83 3.10 -33.57
C TYR C 59 5.59 3.05 -35.10
N VAL C 60 6.46 2.33 -35.83
CA VAL C 60 6.41 2.33 -37.31
C VAL C 60 5.15 1.69 -37.88
N ASP C 61 4.60 0.70 -37.18
CA ASP C 61 3.34 0.07 -37.60
C ASP C 61 2.15 1.04 -37.55
N LEU C 62 2.25 2.09 -36.75
CA LEU C 62 1.22 3.12 -36.65
C LEU C 62 1.52 4.39 -37.48
N LYS C 63 2.55 4.33 -38.33
CA LYS C 63 3.00 5.46 -39.15
C LYS C 63 1.90 6.27 -39.84
N ASP C 64 0.98 5.61 -40.55
CA ASP C 64 -0.09 6.29 -41.29
C ASP C 64 -1.46 6.19 -40.58
N ARG C 65 -1.45 6.55 -39.30
CA ARG C 65 -2.67 6.66 -38.49
C ARG C 65 -2.88 8.14 -38.18
N PRO C 66 -4.15 8.55 -37.97
CA PRO C 66 -4.44 10.00 -37.75
C PRO C 66 -3.76 10.62 -36.53
N PHE C 67 -3.53 9.81 -35.49
CA PHE C 67 -2.90 10.27 -34.25
C PHE C 67 -1.36 10.27 -34.25
N PHE C 68 -0.73 9.60 -35.24
CA PHE C 68 0.72 9.32 -35.23
C PHE C 68 1.63 10.54 -35.01
N ALA C 69 1.30 11.67 -35.61
CA ALA C 69 2.05 12.92 -35.39
C ALA C 69 2.02 13.33 -33.92
N GLY C 70 0.81 13.37 -33.37
CA GLY C 70 0.59 13.74 -31.97
C GLY C 70 1.14 12.76 -30.96
N LEU C 71 1.15 11.47 -31.31
CA LEU C 71 1.80 10.41 -30.52
C LEU C 71 3.31 10.68 -30.38
N VAL C 72 3.98 10.90 -31.52
CA VAL C 72 5.41 11.17 -31.57
C VAL C 72 5.79 12.44 -30.78
N LYS C 73 4.91 13.45 -30.83
CA LYS C 73 5.12 14.69 -30.09
C LYS C 73 5.02 14.48 -28.58
N TYR C 74 3.91 13.85 -28.17
CA TYR C 74 3.64 13.48 -26.77
C TYR C 74 4.77 12.67 -26.15
N MET C 75 5.27 11.69 -26.90
CA MET C 75 6.37 10.83 -26.43
C MET C 75 7.73 11.52 -26.40
N HIS C 76 7.91 12.56 -27.22
CA HIS C 76 9.12 13.38 -27.21
C HIS C 76 9.08 14.46 -26.11
N SER C 77 7.89 14.82 -25.64
CA SER C 77 7.68 15.98 -24.76
C SER C 77 8.41 15.94 -23.41
N GLY C 78 8.52 14.74 -22.83
CA GLY C 78 9.26 14.55 -21.57
C GLY C 78 10.09 13.29 -21.63
N PRO C 79 10.80 12.97 -20.53
CA PRO C 79 11.55 11.71 -20.49
C PRO C 79 10.69 10.49 -20.23
N VAL C 80 11.22 9.33 -20.61
CA VAL C 80 10.58 8.03 -20.39
C VAL C 80 11.51 7.12 -19.60
N VAL C 81 10.94 6.18 -18.86
CA VAL C 81 11.70 5.11 -18.25
C VAL C 81 11.58 3.91 -19.17
N ALA C 82 12.66 3.59 -19.88
CA ALA C 82 12.74 2.40 -20.71
C ALA C 82 13.20 1.23 -19.84
N MET C 83 12.57 0.06 -20.03
CA MET C 83 12.85 -1.14 -19.23
C MET C 83 12.83 -2.42 -20.06
N VAL C 84 13.50 -3.45 -19.53
CA VAL C 84 13.46 -4.81 -20.09
C VAL C 84 13.26 -5.78 -18.92
N TRP C 85 12.22 -6.61 -19.02
CA TRP C 85 11.88 -7.58 -17.97
C TRP C 85 11.92 -9.00 -18.54
N GLU C 86 12.36 -9.97 -17.73
CA GLU C 86 12.50 -11.35 -18.14
C GLU C 86 11.59 -12.31 -17.36
N GLY C 87 11.06 -13.30 -18.08
CA GLY C 87 10.36 -14.43 -17.46
C GLY C 87 9.40 -15.17 -18.39
N LEU C 88 8.83 -16.26 -17.88
CA LEU C 88 7.88 -17.08 -18.64
C LEU C 88 6.69 -16.26 -19.10
N ASN C 89 6.51 -16.18 -20.42
CA ASN C 89 5.40 -15.43 -21.04
C ASN C 89 5.33 -13.99 -20.56
N VAL C 90 6.50 -13.38 -20.38
CA VAL C 90 6.57 -12.01 -19.89
C VAL C 90 5.92 -11.03 -20.88
N VAL C 91 5.99 -11.32 -22.17
CA VAL C 91 5.38 -10.46 -23.20
C VAL C 91 3.86 -10.47 -23.07
N LYS C 92 3.29 -11.67 -23.05
CA LYS C 92 1.84 -11.84 -22.97
C LYS C 92 1.30 -11.38 -21.61
N THR C 93 1.90 -11.89 -20.53
CA THR C 93 1.48 -11.54 -19.17
C THR C 93 1.72 -10.06 -18.86
N GLY C 94 2.82 -9.52 -19.39
CA GLY C 94 3.12 -8.10 -19.28
C GLY C 94 2.04 -7.24 -19.89
N ARG C 95 1.64 -7.59 -21.10
CA ARG C 95 0.49 -6.96 -21.77
C ARG C 95 -0.81 -7.01 -20.95
N VAL C 96 -1.07 -8.16 -20.32
CA VAL C 96 -2.26 -8.34 -19.46
C VAL C 96 -2.20 -7.41 -18.24
N MET C 97 -1.03 -7.35 -17.60
CA MET C 97 -0.81 -6.46 -16.44
C MET C 97 -0.98 -4.98 -16.79
N LEU C 98 -0.51 -4.59 -17.97
CA LEU C 98 -0.72 -3.23 -18.47
C LEU C 98 -2.21 -2.92 -18.67
N GLY C 99 -2.95 -3.91 -19.16
CA GLY C 99 -4.36 -3.75 -19.50
C GLY C 99 -4.47 -3.31 -20.95
N GLU C 100 -5.70 -3.07 -21.40
CA GLU C 100 -5.95 -2.72 -22.81
C GLU C 100 -5.33 -1.36 -23.14
N THR C 101 -4.88 -1.20 -24.38
CA THR C 101 -4.18 0.02 -24.81
C THR C 101 -5.03 1.27 -24.58
N ASN C 102 -6.32 1.17 -24.90
CA ASN C 102 -7.28 2.19 -24.50
C ASN C 102 -7.65 1.97 -23.04
N PRO C 103 -7.42 2.97 -22.16
CA PRO C 103 -7.76 2.81 -20.74
C PRO C 103 -9.26 2.65 -20.48
N ALA C 104 -10.09 3.14 -21.40
CA ALA C 104 -11.54 2.92 -21.36
C ALA C 104 -11.91 1.44 -21.27
N ASP C 105 -11.15 0.59 -21.95
CA ASP C 105 -11.35 -0.87 -21.92
C ASP C 105 -10.60 -1.59 -20.79
N SER C 106 -9.60 -0.94 -20.21
CA SER C 106 -8.74 -1.54 -19.21
C SER C 106 -9.49 -1.85 -17.90
N LYS C 107 -9.21 -3.03 -17.34
CA LYS C 107 -9.86 -3.50 -16.13
C LYS C 107 -9.18 -2.94 -14.89
N PRO C 108 -9.95 -2.67 -13.82
CA PRO C 108 -9.33 -2.44 -12.52
C PRO C 108 -8.43 -3.61 -12.12
N GLY C 109 -7.29 -3.28 -11.51
CA GLY C 109 -6.22 -4.24 -11.26
C GLY C 109 -5.03 -4.08 -12.22
N THR C 110 -5.30 -3.63 -13.44
CA THR C 110 -4.26 -3.38 -14.43
C THR C 110 -3.68 -1.97 -14.24
N ILE C 111 -2.47 -1.76 -14.77
CA ILE C 111 -1.76 -0.48 -14.61
C ILE C 111 -2.55 0.67 -15.23
N ARG C 112 -2.93 0.54 -16.49
CA ARG C 112 -3.74 1.56 -17.15
C ARG C 112 -5.12 1.68 -16.51
N GLY C 113 -5.70 0.54 -16.12
CA GLY C 113 -7.02 0.52 -15.48
C GLY C 113 -7.04 1.25 -14.17
N ASP C 114 -5.97 1.11 -13.39
CA ASP C 114 -5.85 1.78 -12.11
C ASP C 114 -5.43 3.25 -12.20
N PHE C 115 -4.60 3.60 -13.19
CA PHE C 115 -3.85 4.87 -13.15
C PHE C 115 -4.06 5.90 -14.27
N CYS C 116 -4.90 5.63 -15.27
CA CYS C 116 -5.10 6.60 -16.36
C CYS C 116 -6.45 6.47 -17.04
N ILE C 117 -6.81 7.50 -17.83
CA ILE C 117 -8.18 7.71 -18.33
C ILE C 117 -8.29 7.72 -19.87
N GLN C 118 -7.50 8.56 -20.53
CA GLN C 118 -7.59 8.78 -21.98
C GLN C 118 -6.51 8.01 -22.74
N VAL C 119 -6.85 7.52 -23.93
CA VAL C 119 -5.92 6.74 -24.76
C VAL C 119 -4.66 7.53 -25.15
N GLY C 120 -4.82 8.83 -25.40
CA GLY C 120 -3.70 9.72 -25.74
C GLY C 120 -2.68 9.95 -24.63
N ARG C 121 -3.10 9.73 -23.39
CA ARG C 121 -2.21 9.81 -22.22
C ARG C 121 -2.33 8.53 -21.40
N ASN C 122 -1.82 7.43 -21.94
CA ASN C 122 -2.00 6.10 -21.34
C ASN C 122 -0.74 5.50 -20.66
N ILE C 123 0.11 6.38 -20.13
CA ILE C 123 1.20 6.09 -19.14
C ILE C 123 2.26 5.00 -19.37
N ILE C 124 2.01 4.01 -20.23
CA ILE C 124 2.91 2.87 -20.35
C ILE C 124 2.80 2.17 -21.72
N HIS C 125 3.92 1.64 -22.21
CA HIS C 125 3.95 0.78 -23.40
C HIS C 125 4.51 -0.60 -23.03
N GLY C 126 3.95 -1.64 -23.62
CA GLY C 126 4.50 -3.00 -23.58
C GLY C 126 4.56 -3.60 -24.97
N SER C 127 5.52 -4.50 -25.20
CA SER C 127 5.65 -5.20 -26.48
C SER C 127 4.46 -6.12 -26.73
N ASP C 128 3.93 -6.10 -27.95
CA ASP C 128 2.77 -6.95 -28.32
C ASP C 128 3.11 -8.41 -28.63
N SER C 129 4.37 -8.68 -28.97
CA SER C 129 4.83 -10.03 -29.29
C SER C 129 6.33 -10.22 -29.07
N VAL C 130 6.78 -11.47 -29.13
CA VAL C 130 8.19 -11.82 -28.97
C VAL C 130 9.02 -11.16 -30.07
N GLU C 131 8.49 -11.19 -31.30
CA GLU C 131 9.08 -10.51 -32.46
C GLU C 131 9.29 -9.01 -32.21
N SER C 132 8.20 -8.31 -31.82
CA SER C 132 8.26 -6.88 -31.50
C SER C 132 9.18 -6.61 -30.32
N ALA C 133 9.18 -7.50 -29.33
CA ALA C 133 10.00 -7.35 -28.14
C ALA C 133 11.49 -7.29 -28.49
N GLU C 134 11.96 -8.26 -29.26
CA GLU C 134 13.36 -8.32 -29.67
C GLU C 134 13.78 -7.14 -30.55
N LYS C 135 12.85 -6.64 -31.38
CA LYS C 135 13.10 -5.43 -32.18
C LYS C 135 13.21 -4.18 -31.29
N GLU C 136 12.26 -4.03 -30.39
CA GLU C 136 12.20 -2.88 -29.47
C GLU C 136 13.35 -2.87 -28.46
N ILE C 137 13.72 -4.04 -27.93
CA ILE C 137 14.89 -4.16 -27.03
C ILE C 137 16.16 -3.72 -27.74
N GLY C 138 16.42 -4.30 -28.92
CA GLY C 138 17.56 -3.91 -29.77
C GLY C 138 17.58 -2.43 -30.13
N LEU C 139 16.40 -1.86 -30.34
CA LEU C 139 16.23 -0.44 -30.70
C LEU C 139 16.55 0.51 -29.54
N TRP C 140 16.06 0.20 -28.34
CA TRP C 140 16.17 1.08 -27.16
C TRP C 140 17.44 0.88 -26.29
N PHE C 141 18.06 -0.30 -26.37
CA PHE C 141 19.20 -0.68 -25.52
C PHE C 141 20.37 -1.18 -26.35
N HIS C 142 21.58 -0.84 -25.94
CA HIS C 142 22.78 -1.54 -26.41
C HIS C 142 22.83 -2.85 -25.62
N PRO C 143 23.38 -3.93 -26.20
CA PRO C 143 23.43 -5.23 -25.49
C PRO C 143 24.24 -5.21 -24.17
N GLU C 144 25.19 -4.29 -24.08
CA GLU C 144 26.07 -4.12 -22.93
C GLU C 144 25.25 -3.61 -21.71
N GLU C 145 24.13 -2.91 -21.96
CA GLU C 145 23.25 -2.36 -20.91
C GLU C 145 22.28 -3.36 -20.29
N LEU C 146 22.14 -4.55 -20.89
CA LEU C 146 21.21 -5.57 -20.38
C LEU C 146 21.96 -6.53 -19.46
N VAL C 147 21.61 -6.47 -18.17
CA VAL C 147 22.35 -7.19 -17.14
C VAL C 147 21.81 -8.61 -16.94
N ASP C 148 22.74 -9.56 -16.81
CA ASP C 148 22.43 -10.96 -16.62
C ASP C 148 22.72 -11.35 -15.17
N TYR C 149 21.72 -11.91 -14.49
CA TYR C 149 21.90 -12.45 -13.13
C TYR C 149 20.76 -13.41 -12.77
N THR C 150 20.98 -14.17 -11.70
CA THR C 150 20.01 -15.15 -11.22
C THR C 150 19.26 -14.58 -10.03
N SER C 151 17.94 -14.59 -10.09
CA SER C 151 17.10 -14.21 -8.95
C SER C 151 17.25 -15.26 -7.84
N CYS C 152 17.44 -14.80 -6.61
CA CYS C 152 17.53 -15.69 -5.46
C CYS C 152 16.23 -16.46 -5.18
N ALA C 153 15.11 -15.91 -5.66
CA ALA C 153 13.80 -16.56 -5.57
C ALA C 153 13.43 -17.41 -6.81
N GLN C 154 14.39 -17.68 -7.70
CA GLN C 154 14.10 -18.38 -8.97
C GLN C 154 13.49 -19.78 -8.77
N ASN C 155 14.02 -20.54 -7.82
CA ASN C 155 13.51 -21.89 -7.53
C ASN C 155 12.12 -21.91 -6.91
N TRP C 156 11.69 -20.78 -6.35
CA TRP C 156 10.32 -20.60 -5.85
C TRP C 156 9.36 -19.91 -6.83
N ILE C 157 9.89 -19.37 -7.94
CA ILE C 157 9.09 -18.85 -9.04
C ILE C 157 8.90 -19.91 -10.14
N TYR C 158 9.90 -20.77 -10.37
CA TYR C 158 9.85 -21.86 -11.37
C TYR C 158 10.30 -23.20 -10.77
N ASN D 10 -11.31 11.95 25.73
CA ASN D 10 -11.61 10.65 25.03
C ASN D 10 -12.50 10.83 23.79
N CYS D 11 -13.40 11.82 23.83
CA CYS D 11 -14.02 12.38 22.63
C CYS D 11 -13.62 13.86 22.49
N GLU D 12 -12.30 14.08 22.57
CA GLU D 12 -11.64 15.33 22.23
C GLU D 12 -11.60 15.42 20.71
N ARG D 13 -11.52 16.63 20.17
CA ARG D 13 -11.65 16.86 18.73
C ARG D 13 -10.58 17.81 18.22
N THR D 14 -10.00 17.52 17.06
CA THR D 14 -9.01 18.41 16.43
C THR D 14 -9.44 18.76 15.01
N PHE D 15 -8.87 19.84 14.50
CA PHE D 15 -9.17 20.32 13.15
C PHE D 15 -7.97 20.04 12.25
N ILE D 16 -8.23 19.34 11.14
CA ILE D 16 -7.22 19.01 10.15
C ILE D 16 -7.68 19.59 8.80
N ALA D 17 -6.76 20.26 8.09
CA ALA D 17 -7.05 20.83 6.76
C ALA D 17 -5.97 20.46 5.76
N ILE D 18 -6.34 19.71 4.72
CA ILE D 18 -5.42 19.37 3.63
C ILE D 18 -5.39 20.61 2.76
N LYS D 19 -4.24 21.27 2.73
CA LYS D 19 -3.98 22.48 1.97
C LYS D 19 -4.15 22.26 0.47
N PRO D 20 -4.20 23.34 -0.33
CA PRO D 20 -4.36 23.20 -1.83
C PRO D 20 -3.34 22.32 -2.59
N ASP D 21 -2.07 22.46 -2.27
CA ASP D 21 -1.01 21.58 -2.81
C ASP D 21 -1.27 20.10 -2.50
N GLY D 22 -1.78 19.81 -1.30
CA GLY D 22 -2.15 18.44 -0.91
C GLY D 22 -3.26 17.87 -1.77
N VAL D 23 -4.27 18.69 -2.08
CA VAL D 23 -5.37 18.30 -2.95
C VAL D 23 -4.87 18.13 -4.40
N GLN D 24 -4.14 19.13 -4.88
CA GLN D 24 -3.55 19.12 -6.24
C GLN D 24 -2.64 17.94 -6.52
N ARG D 25 -1.88 17.50 -5.52
CA ARG D 25 -0.92 16.41 -5.67
C ARG D 25 -1.48 15.01 -5.40
N GLY D 26 -2.75 14.95 -4.96
CA GLY D 26 -3.49 13.70 -4.87
C GLY D 26 -3.28 12.93 -3.58
N LEU D 27 -3.27 13.62 -2.47
CA LEU D 27 -2.96 13.03 -1.17
C LEU D 27 -4.15 12.97 -0.22
N VAL D 28 -5.36 13.27 -0.71
CA VAL D 28 -6.54 13.40 0.15
C VAL D 28 -6.86 12.04 0.78
N GLY D 29 -6.98 11.04 -0.08
CA GLY D 29 -7.23 9.66 0.36
C GLY D 29 -6.11 9.11 1.23
N GLU D 30 -4.88 9.35 0.80
CA GLU D 30 -3.71 8.91 1.54
C GLU D 30 -3.67 9.48 2.97
N ILE D 31 -3.97 10.77 3.10
CA ILE D 31 -4.00 11.44 4.40
C ILE D 31 -5.14 10.94 5.27
N ILE D 32 -6.35 10.91 4.72
CA ILE D 32 -7.53 10.41 5.43
C ILE D 32 -7.33 8.98 5.93
N LYS D 33 -6.73 8.15 5.08
CA LYS D 33 -6.43 6.75 5.40
C LYS D 33 -5.63 6.62 6.69
N ARG D 34 -4.67 7.51 6.90
CA ARG D 34 -3.81 7.47 8.09
C ARG D 34 -4.56 7.71 9.39
N PHE D 35 -5.48 8.67 9.37
CA PHE D 35 -6.35 8.92 10.52
C PHE D 35 -7.34 7.78 10.77
N GLU D 36 -7.86 7.19 9.71
CA GLU D 36 -8.77 6.05 9.82
C GLU D 36 -8.08 4.83 10.43
N GLN D 37 -6.97 4.40 9.83
CA GLN D 37 -6.26 3.22 10.29
C GLN D 37 -5.64 3.40 11.68
N LYS D 38 -5.36 4.64 12.07
CA LYS D 38 -4.90 4.96 13.43
C LYS D 38 -5.94 4.63 14.50
N GLY D 39 -7.21 4.85 14.17
CA GLY D 39 -8.34 4.58 15.08
C GLY D 39 -9.26 5.77 15.34
N PHE D 40 -8.87 6.97 14.90
CA PHE D 40 -9.67 8.17 15.13
C PHE D 40 -10.94 8.16 14.29
N ARG D 41 -11.97 8.86 14.79
CA ARG D 41 -13.29 8.86 14.19
C ARG D 41 -13.47 10.13 13.36
N LEU D 42 -13.89 9.99 12.10
CA LEU D 42 -14.19 11.15 11.26
C LEU D 42 -15.52 11.77 11.72
N VAL D 43 -15.46 13.05 12.11
CA VAL D 43 -16.63 13.78 12.63
C VAL D 43 -17.17 14.75 11.59
N GLY D 44 -16.28 15.45 10.90
CA GLY D 44 -16.66 16.41 9.86
C GLY D 44 -15.70 16.37 8.68
N LEU D 45 -16.23 16.68 7.50
CA LEU D 45 -15.45 16.63 6.26
C LEU D 45 -16.16 17.47 5.20
N LYS D 46 -15.44 18.38 4.58
CA LYS D 46 -15.99 19.20 3.52
C LYS D 46 -14.90 19.77 2.62
N PHE D 47 -15.30 20.11 1.40
CA PHE D 47 -14.38 20.53 0.35
C PHE D 47 -14.84 21.91 -0.09
N MET D 48 -13.96 22.90 0.10
CA MET D 48 -14.34 24.30 -0.06
C MET D 48 -13.14 25.16 -0.44
N GLN D 49 -13.40 26.19 -1.23
CA GLN D 49 -12.42 27.24 -1.43
C GLN D 49 -12.61 28.25 -0.31
N ALA D 50 -11.59 28.40 0.53
CA ALA D 50 -11.64 29.29 1.68
C ALA D 50 -11.47 30.74 1.25
N SER D 51 -12.30 31.62 1.82
CA SER D 51 -12.18 33.06 1.61
C SER D 51 -11.01 33.61 2.42
N GLU D 52 -10.50 34.76 2.00
CA GLU D 52 -9.38 35.41 2.69
C GLU D 52 -9.70 35.86 4.12
N ASP D 53 -10.94 36.26 4.37
CA ASP D 53 -11.38 36.62 5.73
C ASP D 53 -11.36 35.42 6.68
N LEU D 54 -11.76 34.25 6.17
CA LEU D 54 -11.67 33.00 6.93
C LEU D 54 -10.20 32.63 7.24
N LEU D 55 -9.35 32.71 6.22
CA LEU D 55 -7.93 32.37 6.37
C LEU D 55 -7.18 33.33 7.30
N LYS D 56 -7.49 34.63 7.19
CA LYS D 56 -6.89 35.65 8.05
C LYS D 56 -7.26 35.48 9.52
N GLU D 57 -8.49 35.08 9.79
CA GLU D 57 -8.94 34.77 11.16
C GLU D 57 -8.29 33.49 11.68
N HIS D 58 -8.22 32.47 10.82
CA HIS D 58 -7.62 31.18 11.16
C HIS D 58 -6.14 31.30 11.49
N TYR D 59 -5.40 32.05 10.67
CA TYR D 59 -3.97 32.28 10.89
C TYR D 59 -3.69 33.64 11.57
N VAL D 60 -4.57 34.06 12.49
CA VAL D 60 -4.47 35.40 13.11
C VAL D 60 -3.23 35.57 14.00
N ASP D 61 -2.76 34.50 14.63
CA ASP D 61 -1.52 34.54 15.43
C ASP D 61 -0.28 34.83 14.58
N LEU D 62 -0.34 34.53 13.28
CA LEU D 62 0.74 34.82 12.35
C LEU D 62 0.53 36.13 11.54
N LYS D 63 -0.47 36.96 11.89
CA LYS D 63 -0.78 38.22 11.12
C LYS D 63 0.39 39.07 10.74
N ASP D 64 1.29 39.36 11.69
CA ASP D 64 2.43 40.25 11.44
C ASP D 64 3.76 39.48 11.29
N ARG D 65 3.72 38.47 10.42
CA ARG D 65 4.91 37.71 10.03
C ARG D 65 5.20 38.04 8.57
N PRO D 66 6.48 37.97 8.16
CA PRO D 66 6.84 38.33 6.77
C PRO D 66 6.17 37.49 5.67
N PHE D 67 5.86 36.23 5.98
CA PHE D 67 5.21 35.32 5.02
C PHE D 67 3.68 35.41 4.96
N PHE D 68 3.05 36.06 5.94
CA PHE D 68 1.58 36.03 6.13
C PHE D 68 0.75 36.36 4.89
N ALA D 69 1.18 37.36 4.12
CA ALA D 69 0.50 37.72 2.87
C ALA D 69 0.51 36.56 1.88
N GLY D 70 1.69 35.99 1.67
CA GLY D 70 1.88 34.85 0.77
C GLY D 70 1.21 33.56 1.23
N LEU D 71 1.14 33.35 2.56
CA LEU D 71 0.38 32.24 3.16
C LEU D 71 -1.11 32.31 2.80
N VAL D 72 -1.70 33.48 3.05
CA VAL D 72 -3.12 33.73 2.75
C VAL D 72 -3.44 33.56 1.26
N LYS D 73 -2.50 33.95 0.40
CA LYS D 73 -2.65 33.81 -1.05
C LYS D 73 -2.62 32.33 -1.48
N TYR D 74 -1.58 31.63 -1.04
CA TYR D 74 -1.38 30.18 -1.25
C TYR D 74 -2.60 29.37 -0.83
N MET D 75 -3.13 29.68 0.35
CA MET D 75 -4.29 28.97 0.90
C MET D 75 -5.60 29.32 0.20
N HIS D 76 -5.68 30.50 -0.42
CA HIS D 76 -6.84 30.92 -1.23
C HIS D 76 -6.77 30.35 -2.66
N SER D 77 -5.58 30.00 -3.13
CA SER D 77 -5.33 29.66 -4.54
C SER D 77 -6.11 28.46 -5.08
N GLY D 78 -6.33 27.46 -4.26
CA GLY D 78 -7.13 26.28 -4.63
C GLY D 78 -8.04 25.86 -3.49
N PRO D 79 -8.80 24.77 -3.70
CA PRO D 79 -9.65 24.28 -2.61
C PRO D 79 -8.89 23.49 -1.57
N VAL D 80 -9.48 23.38 -0.38
CA VAL D 80 -8.94 22.61 0.74
C VAL D 80 -9.97 21.59 1.20
N VAL D 81 -9.48 20.48 1.77
CA VAL D 81 -10.35 19.54 2.45
C VAL D 81 -10.27 19.87 3.94
N ALA D 82 -11.34 20.45 4.47
CA ALA D 82 -11.46 20.71 5.89
C ALA D 82 -12.03 19.48 6.58
N MET D 83 -11.48 19.13 7.74
CA MET D 83 -11.87 17.92 8.47
C MET D 83 -11.91 18.13 9.99
N VAL D 84 -12.66 17.27 10.67
CA VAL D 84 -12.68 17.21 12.14
C VAL D 84 -12.61 15.75 12.54
N TRP D 85 -11.63 15.42 13.39
CA TRP D 85 -11.40 14.05 13.85
C TRP D 85 -11.52 13.97 15.36
N GLU D 86 -12.07 12.88 15.87
CA GLU D 86 -12.27 12.70 17.30
C GLU D 86 -11.45 11.53 17.88
N GLY D 87 -10.95 11.73 19.10
CA GLY D 87 -10.37 10.64 19.90
C GLY D 87 -9.45 11.10 21.00
N LEU D 88 -8.98 10.14 21.81
CA LEU D 88 -8.06 10.43 22.91
C LEU D 88 -6.77 11.10 22.41
N ASN D 89 -6.51 12.32 22.90
CA ASN D 89 -5.34 13.11 22.52
C ASN D 89 -5.19 13.25 21.01
N VAL D 90 -6.31 13.43 20.33
CA VAL D 90 -6.31 13.57 18.88
C VAL D 90 -5.54 14.82 18.44
N VAL D 91 -5.58 15.88 19.24
CA VAL D 91 -4.86 17.13 18.91
C VAL D 91 -3.35 16.90 18.95
N LYS D 92 -2.86 16.34 20.05
CA LYS D 92 -1.42 16.10 20.23
C LYS D 92 -0.92 15.01 19.28
N THR D 93 -1.60 13.86 19.26
CA THR D 93 -1.23 12.74 18.39
C THR D 93 -1.38 13.10 16.91
N GLY D 94 -2.41 13.88 16.58
CA GLY D 94 -2.62 14.38 15.23
C GLY D 94 -1.45 15.22 14.76
N ARG D 95 -1.01 16.14 15.61
CA ARG D 95 0.21 16.92 15.36
C ARG D 95 1.45 16.07 15.11
N VAL D 96 1.60 15.00 15.89
CA VAL D 96 2.71 14.07 15.76
C VAL D 96 2.66 13.35 14.40
N MET D 97 1.48 12.87 14.03
CA MET D 97 1.27 12.21 12.72
C MET D 97 1.55 13.13 11.53
N LEU D 98 1.17 14.41 11.66
CA LEU D 98 1.51 15.42 10.63
C LEU D 98 3.01 15.62 10.49
N GLY D 99 3.71 15.60 11.62
CA GLY D 99 5.15 15.87 11.67
C GLY D 99 5.36 17.35 11.89
N GLU D 100 6.61 17.77 11.90
CA GLU D 100 6.97 19.18 12.19
C GLU D 100 6.47 20.08 11.08
N THR D 101 6.09 21.30 11.43
CA THR D 101 5.49 22.25 10.49
C THR D 101 6.40 22.50 9.29
N ASN D 102 7.69 22.65 9.56
CA ASN D 102 8.70 22.64 8.50
C ASN D 102 8.96 21.19 8.10
N PRO D 103 8.71 20.84 6.83
CA PRO D 103 9.01 19.47 6.38
C PRO D 103 10.48 19.05 6.45
N ALA D 104 11.39 20.03 6.42
CA ALA D 104 12.82 19.79 6.64
C ALA D 104 13.09 19.05 7.96
N ASP D 105 12.32 19.37 9.00
CA ASP D 105 12.45 18.73 10.31
C ASP D 105 11.59 17.46 10.47
N SER D 106 10.59 17.28 9.60
CA SER D 106 9.63 16.18 9.72
C SER D 106 10.29 14.82 9.48
N LYS D 107 9.90 13.85 10.31
CA LYS D 107 10.48 12.50 10.26
C LYS D 107 9.76 11.65 9.22
N PRO D 108 10.51 10.72 8.57
CA PRO D 108 9.83 9.70 7.78
C PRO D 108 8.84 8.92 8.63
N GLY D 109 7.70 8.58 8.03
CA GLY D 109 6.55 8.05 8.76
C GLY D 109 5.43 9.06 8.96
N THR D 110 5.79 10.34 9.08
CA THR D 110 4.81 11.43 9.22
C THR D 110 4.32 11.88 7.85
N ILE D 111 3.16 12.54 7.83
CA ILE D 111 2.52 12.97 6.57
C ILE D 111 3.43 13.95 5.81
N ARG D 112 3.85 15.02 6.48
CA ARG D 112 4.76 15.98 5.86
C ARG D 112 6.12 15.36 5.55
N GLY D 113 6.60 14.50 6.43
CA GLY D 113 7.87 13.81 6.24
C GLY D 113 7.88 12.90 5.02
N ASP D 114 6.76 12.23 4.78
CA ASP D 114 6.63 11.34 3.63
C ASP D 114 6.32 12.07 2.33
N PHE D 115 5.56 13.17 2.38
CA PHE D 115 4.91 13.72 1.18
C PHE D 115 5.23 15.15 0.73
N CYS D 116 6.09 15.89 1.44
CA CYS D 116 6.40 17.26 1.01
C CYS D 116 7.78 17.75 1.47
N ILE D 117 8.22 18.87 0.87
CA ILE D 117 9.63 19.31 0.94
C ILE D 117 9.82 20.70 1.58
N GLN D 118 9.11 21.70 1.06
CA GLN D 118 9.29 23.10 1.48
C GLN D 118 8.20 23.55 2.45
N VAL D 119 8.57 24.39 3.41
CA VAL D 119 7.63 24.89 4.44
C VAL D 119 6.45 25.67 3.84
N GLY D 120 6.70 26.43 2.78
CA GLY D 120 5.66 27.17 2.07
C GLY D 120 4.59 26.34 1.36
N ARG D 121 4.93 25.09 1.06
CA ARG D 121 4.01 24.14 0.46
C ARG D 121 4.02 22.84 1.27
N ASN D 122 3.44 22.91 2.48
CA ASN D 122 3.52 21.80 3.44
C ASN D 122 2.20 21.02 3.64
N ILE D 123 1.38 20.97 2.58
CA ILE D 123 0.24 20.02 2.38
C ILE D 123 -0.88 19.87 3.43
N ILE D 124 -0.67 20.21 4.69
CA ILE D 124 -1.63 19.91 5.75
C ILE D 124 -1.50 20.87 6.94
N HIS D 125 -2.63 21.17 7.59
CA HIS D 125 -2.66 21.89 8.87
C HIS D 125 -3.32 21.02 9.93
N GLY D 126 -2.79 21.08 11.16
CA GLY D 126 -3.45 20.52 12.34
C GLY D 126 -3.48 21.54 13.46
N SER D 127 -4.50 21.44 14.33
CA SER D 127 -4.61 22.32 15.49
C SER D 127 -3.47 22.07 16.49
N ASP D 128 -2.88 23.14 17.01
CA ASP D 128 -1.77 23.04 17.98
C ASP D 128 -2.20 22.73 19.41
N SER D 129 -3.46 23.01 19.75
CA SER D 129 -3.99 22.78 21.10
C SER D 129 -5.51 22.61 21.11
N VAL D 130 -6.04 22.18 22.26
CA VAL D 130 -7.48 21.99 22.44
C VAL D 130 -8.21 23.34 22.28
N GLU D 131 -7.63 24.40 22.84
CA GLU D 131 -8.09 25.81 22.73
C GLU D 131 -8.20 26.21 21.22
N SER D 132 -7.12 26.05 20.46
CA SER D 132 -7.10 26.34 19.01
C SER D 132 -8.05 25.46 18.24
N ALA D 133 -8.14 24.20 18.63
CA ALA D 133 -9.01 23.23 17.95
C ALA D 133 -10.47 23.68 17.98
N GLU D 134 -10.97 24.00 19.17
CA GLU D 134 -12.36 24.45 19.33
C GLU D 134 -12.66 25.77 18.61
N LYS D 135 -11.67 26.67 18.55
CA LYS D 135 -11.79 27.91 17.79
C LYS D 135 -11.85 27.64 16.27
N GLU D 136 -10.93 26.81 15.79
CA GLU D 136 -10.84 26.46 14.37
C GLU D 136 -12.05 25.62 13.88
N ILE D 137 -12.51 24.68 14.72
CA ILE D 137 -13.72 23.89 14.40
C ILE D 137 -14.93 24.81 14.24
N GLY D 138 -15.17 25.66 15.24
CA GLY D 138 -16.25 26.66 15.21
C GLY D 138 -16.17 27.61 14.02
N LEU D 139 -14.94 27.96 13.64
CA LEU D 139 -14.67 28.84 12.51
C LEU D 139 -14.98 28.21 11.14
N TRP D 140 -14.56 26.96 10.95
CA TRP D 140 -14.67 26.27 9.64
C TRP D 140 -15.97 25.47 9.41
N PHE D 141 -16.67 25.10 10.49
CA PHE D 141 -17.86 24.27 10.42
C PHE D 141 -19.02 24.89 11.19
N HIS D 142 -20.24 24.76 10.64
CA HIS D 142 -21.44 24.98 11.43
C HIS D 142 -21.62 23.72 12.30
N PRO D 143 -22.21 23.85 13.51
CA PRO D 143 -22.40 22.67 14.38
C PRO D 143 -23.26 21.53 13.78
N GLU D 144 -24.15 21.90 12.86
CA GLU D 144 -25.06 21.01 12.13
C GLU D 144 -24.29 20.05 11.20
N GLU D 145 -23.12 20.49 10.74
CA GLU D 145 -22.25 19.69 9.85
C GLU D 145 -21.38 18.63 10.55
N LEU D 146 -21.29 18.68 11.87
CA LEU D 146 -20.46 17.73 12.64
C LEU D 146 -21.31 16.56 13.07
N VAL D 147 -21.02 15.38 12.51
CA VAL D 147 -21.86 14.20 12.69
C VAL D 147 -21.41 13.40 13.92
N ASP D 148 -22.40 12.96 14.70
CA ASP D 148 -22.20 12.19 15.90
C ASP D 148 -22.59 10.74 15.64
N TYR D 149 -21.68 9.81 15.89
CA TYR D 149 -21.96 8.37 15.81
C TYR D 149 -20.91 7.56 16.57
N THR D 150 -21.23 6.30 16.81
CA THR D 150 -20.36 5.38 17.54
C THR D 150 -19.64 4.48 16.55
N SER D 151 -18.30 4.44 16.64
CA SER D 151 -17.51 3.49 15.86
C SER D 151 -17.78 2.07 16.34
N CYS D 152 -17.98 1.15 15.40
CA CYS D 152 -18.21 -0.27 15.74
C CYS D 152 -16.98 -0.92 16.37
N ALA D 153 -15.80 -0.33 16.13
CA ALA D 153 -14.54 -0.77 16.74
C ALA D 153 -14.18 -0.02 18.03
N GLN D 154 -15.11 0.76 18.62
CA GLN D 154 -14.80 1.60 19.79
C GLN D 154 -14.32 0.81 21.01
N ASN D 155 -14.95 -0.34 21.28
CA ASN D 155 -14.56 -1.19 22.41
C ASN D 155 -13.19 -1.87 22.24
N TRP D 156 -12.71 -1.94 20.99
CA TRP D 156 -11.36 -2.43 20.68
C TRP D 156 -10.31 -1.32 20.50
N ILE D 157 -10.74 -0.06 20.45
CA ILE D 157 -9.84 1.10 20.44
C ILE D 157 -9.68 1.72 21.84
N TYR D 158 -10.78 1.85 22.57
CA TYR D 158 -10.75 2.39 23.93
C TYR D 158 -11.34 1.36 24.88
N GLU D 159 -10.84 1.35 26.12
CA GLU D 159 -11.29 0.44 27.15
C GLU D 159 -12.52 1.00 27.90
N ASN E 10 17.76 24.24 -4.07
CA ASN E 10 16.45 24.06 -4.79
C ASN E 10 16.60 23.22 -6.07
N CYS E 11 17.68 23.49 -6.82
CA CYS E 11 18.14 22.61 -7.91
C CYS E 11 19.31 21.70 -7.45
N GLU E 12 19.33 21.37 -6.16
CA GLU E 12 20.38 20.51 -5.56
C GLU E 12 20.17 19.09 -6.06
N ARG E 13 21.24 18.30 -6.07
CA ARG E 13 21.18 16.93 -6.59
C ARG E 13 21.95 16.00 -5.66
N THR E 14 21.43 14.77 -5.54
CA THR E 14 22.06 13.72 -4.74
C THR E 14 22.08 12.42 -5.55
N PHE E 15 23.08 11.59 -5.29
CA PHE E 15 23.21 10.29 -5.96
C PHE E 15 22.72 9.19 -5.02
N ILE E 16 21.74 8.42 -5.48
CA ILE E 16 21.17 7.34 -4.70
C ILE E 16 21.38 6.04 -5.46
N ALA E 17 21.95 5.02 -4.79
CA ALA E 17 22.19 3.71 -5.41
C ALA E 17 21.47 2.62 -4.64
N ILE E 18 20.66 1.82 -5.33
CA ILE E 18 20.01 0.64 -4.73
C ILE E 18 21.04 -0.49 -4.90
N LYS E 19 21.56 -0.96 -3.77
CA LYS E 19 22.56 -2.04 -3.69
C LYS E 19 22.00 -3.35 -4.22
N PRO E 20 22.88 -4.31 -4.60
CA PRO E 20 22.40 -5.64 -5.13
C PRO E 20 21.35 -6.42 -4.33
N ASP E 21 21.50 -6.47 -3.01
CA ASP E 21 20.48 -7.04 -2.12
C ASP E 21 19.12 -6.36 -2.25
N GLY E 22 19.14 -5.03 -2.43
CA GLY E 22 17.91 -4.27 -2.66
C GLY E 22 17.19 -4.67 -3.94
N VAL E 23 17.97 -4.89 -5.00
CA VAL E 23 17.43 -5.34 -6.29
C VAL E 23 16.92 -6.77 -6.18
N GLN E 24 17.76 -7.64 -5.62
CA GLN E 24 17.42 -9.06 -5.41
C GLN E 24 16.16 -9.30 -4.57
N ARG E 25 15.94 -8.44 -3.57
CA ARG E 25 14.80 -8.60 -2.66
C ARG E 25 13.51 -7.88 -3.11
N GLY E 26 13.61 -7.12 -4.20
CA GLY E 26 12.45 -6.56 -4.88
C GLY E 26 11.97 -5.24 -4.33
N LEU E 27 12.91 -4.35 -4.04
CA LEU E 27 12.61 -3.07 -3.40
C LEU E 27 12.82 -1.86 -4.30
N VAL E 28 13.05 -2.08 -5.60
CA VAL E 28 13.40 -1.00 -6.53
C VAL E 28 12.24 -0.02 -6.65
N GLY E 29 11.06 -0.57 -6.96
CA GLY E 29 9.84 0.23 -7.06
C GLY E 29 9.46 0.88 -5.75
N GLU E 30 9.55 0.11 -4.67
CA GLU E 30 9.24 0.60 -3.34
C GLU E 30 10.11 1.80 -2.95
N ILE E 31 11.41 1.71 -3.23
CA ILE E 31 12.36 2.79 -2.93
C ILE E 31 12.12 4.03 -3.80
N ILE E 32 12.01 3.82 -5.10
CA ILE E 32 11.72 4.91 -6.05
C ILE E 32 10.43 5.64 -5.69
N LYS E 33 9.41 4.88 -5.31
CA LYS E 33 8.11 5.41 -4.91
C LYS E 33 8.22 6.45 -3.80
N ARG E 34 9.11 6.20 -2.84
CA ARG E 34 9.30 7.11 -1.70
C ARG E 34 9.86 8.46 -2.09
N PHE E 35 10.82 8.47 -3.01
CA PHE E 35 11.37 9.72 -3.57
C PHE E 35 10.35 10.47 -4.43
N GLU E 36 9.55 9.73 -5.20
CA GLU E 36 8.50 10.34 -6.02
C GLU E 36 7.42 11.00 -5.17
N GLN E 37 6.83 10.24 -4.25
CA GLN E 37 5.75 10.76 -3.39
C GLN E 37 6.21 11.88 -2.45
N LYS E 38 7.50 11.89 -2.10
CA LYS E 38 8.08 12.97 -1.31
C LYS E 38 8.05 14.31 -2.04
N GLY E 39 8.24 14.27 -3.37
CA GLY E 39 8.23 15.48 -4.21
C GLY E 39 9.47 15.70 -5.06
N PHE E 40 10.53 14.92 -4.82
CA PHE E 40 11.79 15.07 -5.56
C PHE E 40 11.63 14.61 -7.01
N ARG E 41 12.45 15.19 -7.88
CA ARG E 41 12.38 14.96 -9.32
C ARG E 41 13.44 13.95 -9.74
N LEU E 42 13.04 12.90 -10.46
CA LEU E 42 13.99 11.92 -10.99
C LEU E 42 14.75 12.54 -12.16
N VAL E 43 16.08 12.59 -12.04
CA VAL E 43 16.96 13.21 -13.03
C VAL E 43 17.71 12.17 -13.85
N GLY E 44 18.21 11.14 -13.19
CA GLY E 44 18.91 10.04 -13.85
C GLY E 44 18.56 8.70 -13.24
N LEU E 45 18.62 7.65 -14.05
CA LEU E 45 18.27 6.31 -13.62
C LEU E 45 18.85 5.30 -14.60
N LYS E 46 19.58 4.32 -14.07
CA LYS E 46 20.17 3.28 -14.90
C LYS E 46 20.49 2.03 -14.09
N PHE E 47 20.56 0.90 -14.79
CA PHE E 47 20.70 -0.42 -14.19
C PHE E 47 21.97 -1.03 -14.76
N MET E 48 22.93 -1.30 -13.90
CA MET E 48 24.27 -1.67 -14.33
C MET E 48 24.98 -2.53 -13.30
N GLN E 49 25.81 -3.43 -13.76
CA GLN E 49 26.75 -4.12 -12.90
C GLN E 49 27.99 -3.26 -12.81
N ALA E 50 28.28 -2.76 -11.62
CA ALA E 50 29.41 -1.86 -11.38
C ALA E 50 30.71 -2.64 -11.35
N SER E 51 31.73 -2.10 -12.01
CA SER E 51 33.08 -2.66 -12.00
C SER E 51 33.75 -2.34 -10.67
N GLU E 52 34.76 -3.13 -10.32
CA GLU E 52 35.50 -2.92 -9.07
C GLU E 52 36.28 -1.59 -9.02
N ASP E 53 36.77 -1.12 -10.17
CA ASP E 53 37.45 0.17 -10.25
C ASP E 53 36.49 1.33 -9.96
N LEU E 54 35.25 1.23 -10.45
CA LEU E 54 34.20 2.21 -10.14
C LEU E 54 33.86 2.21 -8.64
N LEU E 55 33.68 1.02 -8.08
CA LEU E 55 33.33 0.87 -6.66
C LEU E 55 34.44 1.32 -5.72
N LYS E 56 35.68 1.01 -6.08
CA LYS E 56 36.86 1.43 -5.29
C LYS E 56 37.04 2.95 -5.27
N GLU E 57 36.74 3.61 -6.39
CA GLU E 57 36.77 5.08 -6.45
C GLU E 57 35.62 5.70 -5.67
N HIS E 58 34.44 5.11 -5.80
CA HIS E 58 33.24 5.56 -5.10
C HIS E 58 33.39 5.47 -3.58
N TYR E 59 33.89 4.33 -3.10
CA TYR E 59 34.12 4.11 -1.66
C TYR E 59 35.59 4.36 -1.25
N VAL E 60 36.24 5.35 -1.87
CA VAL E 60 37.67 5.60 -1.65
C VAL E 60 38.02 6.07 -0.22
N ASP E 61 37.11 6.80 0.42
CA ASP E 61 37.30 7.21 1.81
C ASP E 61 37.36 6.03 2.78
N LEU E 62 36.75 4.90 2.39
CA LEU E 62 36.76 3.67 3.18
C LEU E 62 37.83 2.66 2.75
N LYS E 63 38.73 3.06 1.85
CA LYS E 63 39.80 2.19 1.30
C LYS E 63 40.52 1.29 2.31
N ASP E 64 40.98 1.87 3.40
CA ASP E 64 41.74 1.11 4.42
C ASP E 64 40.94 0.82 5.68
N ARG E 65 39.75 0.24 5.48
CA ARG E 65 38.90 -0.23 6.54
C ARG E 65 38.87 -1.75 6.45
N PRO E 66 38.67 -2.45 7.58
CA PRO E 66 38.69 -3.92 7.57
C PRO E 66 37.62 -4.58 6.66
N PHE E 67 36.48 -3.93 6.46
CA PHE E 67 35.39 -4.45 5.62
C PHE E 67 35.51 -4.13 4.12
N PHE E 68 36.40 -3.20 3.75
CA PHE E 68 36.47 -2.64 2.38
C PHE E 68 36.53 -3.67 1.25
N ALA E 69 37.31 -4.73 1.44
CA ALA E 69 37.40 -5.82 0.45
C ALA E 69 36.04 -6.48 0.23
N GLY E 70 35.39 -6.85 1.34
CA GLY E 70 34.07 -7.47 1.32
C GLY E 70 32.95 -6.58 0.83
N LEU E 71 33.07 -5.26 1.10
CA LEU E 71 32.16 -4.25 0.56
C LEU E 71 32.20 -4.22 -0.98
N VAL E 72 33.41 -4.12 -1.53
CA VAL E 72 33.63 -4.08 -2.98
C VAL E 72 33.15 -5.36 -3.66
N LYS E 73 33.28 -6.50 -2.99
CA LYS E 73 32.82 -7.79 -3.50
C LYS E 73 31.29 -7.85 -3.55
N TYR E 74 30.68 -7.55 -2.41
CA TYR E 74 29.21 -7.46 -2.25
C TYR E 74 28.55 -6.56 -3.28
N MET E 75 29.14 -5.38 -3.50
CA MET E 75 28.64 -4.43 -4.47
C MET E 75 28.87 -4.82 -5.94
N HIS E 76 29.88 -5.65 -6.20
CA HIS E 76 30.13 -6.20 -7.53
C HIS E 76 29.27 -7.43 -7.83
N SER E 77 28.77 -8.10 -6.79
CA SER E 77 28.11 -9.41 -6.89
C SER E 77 26.85 -9.45 -7.77
N GLY E 78 26.06 -8.38 -7.75
CA GLY E 78 24.87 -8.27 -8.58
C GLY E 78 24.75 -6.87 -9.15
N PRO E 79 23.68 -6.61 -9.91
CA PRO E 79 23.49 -5.26 -10.45
C PRO E 79 22.92 -4.29 -9.44
N VAL E 80 23.12 -3.01 -9.70
CA VAL E 80 22.60 -1.93 -8.87
C VAL E 80 21.74 -0.99 -9.73
N VAL E 81 20.78 -0.33 -9.09
CA VAL E 81 20.04 0.75 -9.73
C VAL E 81 20.70 2.05 -9.28
N ALA E 82 21.42 2.69 -10.19
CA ALA E 82 22.00 4.00 -9.94
C ALA E 82 20.98 5.06 -10.29
N MET E 83 20.87 6.10 -9.44
CA MET E 83 19.88 7.17 -9.61
C MET E 83 20.42 8.55 -9.25
N VAL E 84 19.77 9.58 -9.79
CA VAL E 84 20.04 10.97 -9.43
C VAL E 84 18.70 11.66 -9.22
N TRP E 85 18.53 12.28 -8.06
CA TRP E 85 17.28 12.97 -7.69
C TRP E 85 17.56 14.45 -7.40
N GLU E 86 16.61 15.30 -7.77
CA GLU E 86 16.76 16.76 -7.61
C GLU E 86 15.73 17.36 -6.65
N GLY E 87 16.17 18.32 -5.85
CA GLY E 87 15.27 19.17 -5.06
C GLY E 87 15.94 19.85 -3.88
N LEU E 88 15.17 20.70 -3.19
CA LEU E 88 15.66 21.44 -2.03
C LEU E 88 16.16 20.49 -0.93
N ASN E 89 17.44 20.62 -0.59
CA ASN E 89 18.09 19.78 0.42
C ASN E 89 17.90 18.29 0.18
N VAL E 90 17.95 17.90 -1.09
CA VAL E 90 17.76 16.50 -1.47
C VAL E 90 18.86 15.60 -0.88
N VAL E 91 20.07 16.13 -0.72
CA VAL E 91 21.18 15.35 -0.14
C VAL E 91 20.91 15.04 1.34
N LYS E 92 20.59 16.09 2.10
CA LYS E 92 20.33 15.93 3.54
C LYS E 92 19.04 15.16 3.80
N THR E 93 17.95 15.58 3.18
CA THR E 93 16.66 14.92 3.34
C THR E 93 16.68 13.48 2.80
N GLY E 94 17.41 13.27 1.70
CA GLY E 94 17.60 11.93 1.13
C GLY E 94 18.26 11.01 2.12
N ARG E 95 19.33 11.49 2.75
CA ARG E 95 19.99 10.76 3.85
C ARG E 95 19.06 10.40 5.00
N VAL E 96 18.19 11.35 5.38
CA VAL E 96 17.21 11.14 6.44
C VAL E 96 16.21 10.02 6.05
N MET E 97 15.71 10.08 4.81
CA MET E 97 14.78 9.06 4.29
C MET E 97 15.39 7.67 4.24
N LEU E 98 16.67 7.59 3.87
CA LEU E 98 17.40 6.33 3.91
C LEU E 98 17.51 5.77 5.33
N GLY E 99 17.71 6.66 6.31
CA GLY E 99 17.93 6.27 7.69
C GLY E 99 19.42 6.09 7.93
N GLU E 100 19.78 5.68 9.14
CA GLU E 100 21.19 5.54 9.52
C GLU E 100 21.84 4.43 8.73
N THR E 101 23.14 4.57 8.43
CA THR E 101 23.87 3.62 7.58
C THR E 101 23.79 2.21 8.15
N ASN E 102 23.95 2.09 9.47
CA ASN E 102 23.68 0.85 10.17
C ASN E 102 22.17 0.73 10.34
N PRO E 103 21.54 -0.32 9.78
CA PRO E 103 20.10 -0.51 9.98
C PRO E 103 19.66 -0.72 11.44
N ALA E 104 20.57 -1.20 12.29
CA ALA E 104 20.31 -1.31 13.72
C ALA E 104 19.89 0.03 14.35
N ASP E 105 20.47 1.13 13.86
CA ASP E 105 20.13 2.48 14.33
C ASP E 105 18.97 3.13 13.57
N SER E 106 18.63 2.60 12.39
CA SER E 106 17.62 3.21 11.52
C SER E 106 16.23 3.13 12.13
N LYS E 107 15.47 4.22 11.99
CA LYS E 107 14.13 4.33 12.55
C LYS E 107 13.10 3.73 11.61
N PRO E 108 12.03 3.12 12.17
CA PRO E 108 10.87 2.80 11.33
C PRO E 108 10.34 4.04 10.61
N GLY E 109 9.93 3.84 9.36
CA GLY E 109 9.61 4.95 8.45
C GLY E 109 10.69 5.19 7.41
N THR E 110 11.95 4.93 7.76
CA THR E 110 13.07 5.06 6.83
C THR E 110 13.23 3.79 5.99
N ILE E 111 13.90 3.93 4.84
CA ILE E 111 14.08 2.81 3.89
C ILE E 111 14.83 1.63 4.54
N ARG E 112 16.00 1.92 5.10
CA ARG E 112 16.76 0.88 5.81
C ARG E 112 16.03 0.39 7.07
N GLY E 113 15.36 1.29 7.77
CA GLY E 113 14.60 0.94 8.96
C GLY E 113 13.45 -0.01 8.67
N ASP E 114 12.78 0.22 7.55
CA ASP E 114 11.66 -0.63 7.13
C ASP E 114 12.09 -1.95 6.48
N PHE E 115 13.20 -1.95 5.74
CA PHE E 115 13.50 -3.03 4.78
C PHE E 115 14.79 -3.87 4.96
N CYS E 116 15.62 -3.60 5.95
CA CYS E 116 16.85 -4.38 6.12
C CYS E 116 17.37 -4.41 7.56
N ILE E 117 18.29 -5.34 7.81
CA ILE E 117 18.69 -5.74 9.18
C ILE E 117 20.18 -5.50 9.50
N GLN E 118 21.07 -6.04 8.66
CA GLN E 118 22.51 -6.01 8.91
C GLN E 118 23.20 -4.91 8.11
N VAL E 119 24.23 -4.30 8.69
CA VAL E 119 24.99 -3.22 8.04
C VAL E 119 25.65 -3.66 6.74
N GLY E 120 26.15 -4.90 6.69
CA GLY E 120 26.76 -5.47 5.48
C GLY E 120 25.83 -5.67 4.29
N ARG E 121 24.53 -5.77 4.56
CA ARG E 121 23.49 -5.87 3.53
C ARG E 121 22.43 -4.81 3.78
N ASN E 122 22.80 -3.55 3.55
CA ASN E 122 21.92 -2.40 3.88
C ASN E 122 21.26 -1.69 2.66
N ILE E 123 21.02 -2.46 1.60
CA ILE E 123 20.10 -2.14 0.45
C ILE E 123 20.23 -0.84 -0.35
N ILE E 124 20.84 0.21 0.19
CA ILE E 124 20.82 1.52 -0.46
C ILE E 124 22.00 2.39 -0.04
N HIS E 125 22.49 3.22 -0.97
CA HIS E 125 23.48 4.27 -0.69
C HIS E 125 22.90 5.63 -1.04
N GLY E 126 23.22 6.63 -0.23
CA GLY E 126 22.96 8.04 -0.54
C GLY E 126 24.21 8.88 -0.30
N SER E 127 24.34 9.97 -1.05
CA SER E 127 25.47 10.89 -0.88
C SER E 127 25.40 11.60 0.47
N ASP E 128 26.54 11.69 1.16
CA ASP E 128 26.61 12.33 2.49
C ASP E 128 26.63 13.86 2.45
N SER E 129 27.04 14.43 1.31
CA SER E 129 27.13 15.89 1.15
C SER E 129 27.05 16.33 -0.31
N VAL E 130 26.90 17.63 -0.52
CA VAL E 130 26.82 18.23 -1.86
C VAL E 130 28.11 17.94 -2.63
N GLU E 131 29.24 18.08 -1.95
CA GLU E 131 30.57 17.74 -2.49
C GLU E 131 30.64 16.29 -2.98
N SER E 132 30.30 15.34 -2.11
CA SER E 132 30.27 13.91 -2.47
C SER E 132 29.27 13.61 -3.56
N ALA E 133 28.14 14.31 -3.53
CA ALA E 133 27.08 14.11 -4.53
C ALA E 133 27.57 14.42 -5.94
N GLU E 134 28.18 15.59 -6.11
CA GLU E 134 28.71 15.98 -7.43
C GLU E 134 29.84 15.08 -7.92
N LYS E 135 30.66 14.56 -7.00
CA LYS E 135 31.71 13.59 -7.35
C LYS E 135 31.11 12.26 -7.79
N GLU E 136 30.17 11.75 -7.00
CA GLU E 136 29.49 10.48 -7.27
C GLU E 136 28.61 10.53 -8.55
N ILE E 137 27.88 11.64 -8.77
CA ILE E 137 27.10 11.85 -10.00
C ILE E 137 28.01 11.80 -11.23
N GLY E 138 29.07 12.61 -11.22
CA GLY E 138 30.08 12.62 -12.29
C GLY E 138 30.73 11.26 -12.53
N LEU E 139 30.93 10.50 -11.46
CA LEU E 139 31.53 9.17 -11.51
C LEU E 139 30.62 8.10 -12.14
N TRP E 140 29.34 8.10 -11.76
CA TRP E 140 28.37 7.06 -12.19
C TRP E 140 27.61 7.37 -13.49
N PHE E 141 27.51 8.65 -13.87
CA PHE E 141 26.73 9.09 -15.03
C PHE E 141 27.56 9.95 -15.97
N HIS E 142 27.35 9.79 -17.28
CA HIS E 142 27.79 10.79 -18.26
C HIS E 142 26.77 11.93 -18.17
N PRO E 143 27.19 13.19 -18.44
CA PRO E 143 26.24 14.33 -18.35
C PRO E 143 25.05 14.25 -19.31
N GLU E 144 25.24 13.54 -20.42
CA GLU E 144 24.24 13.32 -21.45
C GLU E 144 23.07 12.46 -20.92
N GLU E 145 23.34 11.62 -19.92
CA GLU E 145 22.32 10.74 -19.31
C GLU E 145 21.41 11.40 -18.26
N LEU E 146 21.76 12.62 -17.84
CA LEU E 146 20.97 13.33 -16.83
C LEU E 146 19.95 14.23 -17.51
N VAL E 147 18.67 13.89 -17.35
CA VAL E 147 17.59 14.55 -18.08
C VAL E 147 17.07 15.77 -17.33
N ASP E 148 16.86 16.85 -18.07
CA ASP E 148 16.35 18.11 -17.56
C ASP E 148 14.90 18.29 -17.97
N TYR E 149 14.01 18.51 -16.99
CA TYR E 149 12.61 18.83 -17.26
C TYR E 149 11.94 19.45 -16.05
N THR E 150 10.77 20.04 -16.26
CA THR E 150 10.00 20.70 -15.21
C THR E 150 8.87 19.78 -14.75
N SER E 151 8.81 19.54 -13.44
CA SER E 151 7.67 18.81 -12.85
C SER E 151 6.41 19.64 -12.96
N CYS E 152 5.31 19.02 -13.38
CA CYS E 152 4.01 19.69 -13.49
C CYS E 152 3.47 20.11 -12.11
N ALA E 153 3.94 19.45 -11.05
CA ALA E 153 3.58 19.80 -9.67
C ALA E 153 4.58 20.76 -9.00
N GLN E 154 5.50 21.38 -9.77
CA GLN E 154 6.56 22.23 -9.19
C GLN E 154 6.04 23.42 -8.39
N ASN E 155 5.00 24.08 -8.90
CA ASN E 155 4.39 25.23 -8.21
C ASN E 155 3.64 24.86 -6.93
N TRP E 156 3.29 23.57 -6.78
CA TRP E 156 2.70 23.05 -5.54
C TRP E 156 3.70 22.36 -4.60
N ILE E 157 4.93 22.15 -5.06
CA ILE E 157 6.04 21.70 -4.22
C ILE E 157 6.88 22.88 -3.69
N TYR E 158 7.04 23.95 -4.50
CA TYR E 158 7.80 25.15 -4.12
C TYR E 158 7.03 26.45 -4.39
N ASN F 10 22.16 -13.77 15.49
CA ASN F 10 21.83 -13.99 14.04
C ASN F 10 20.70 -15.05 13.83
N CYS F 11 20.67 -16.07 14.68
CA CYS F 11 19.56 -17.03 14.78
C CYS F 11 18.68 -16.77 16.03
N GLU F 12 18.70 -15.53 16.53
CA GLU F 12 17.91 -15.13 17.69
C GLU F 12 16.43 -15.12 17.35
N ARG F 13 15.59 -15.45 18.33
CA ARG F 13 14.14 -15.45 18.16
C ARG F 13 13.48 -14.48 19.13
N THR F 14 12.34 -13.93 18.73
CA THR F 14 11.47 -13.13 19.61
C THR F 14 10.05 -13.69 19.53
N PHE F 15 9.24 -13.42 20.55
CA PHE F 15 7.83 -13.78 20.56
C PHE F 15 6.96 -12.54 20.31
N ILE F 16 6.10 -12.59 19.29
CA ILE F 16 5.19 -11.48 18.93
C ILE F 16 3.74 -11.95 18.97
N ALA F 17 2.90 -11.25 19.72
CA ALA F 17 1.47 -11.58 19.82
C ALA F 17 0.63 -10.42 19.34
N ILE F 18 -0.25 -10.64 18.37
CA ILE F 18 -1.23 -9.64 17.97
C ILE F 18 -2.40 -9.84 18.94
N LYS F 19 -2.63 -8.83 19.76
CA LYS F 19 -3.69 -8.82 20.77
C LYS F 19 -5.07 -8.88 20.12
N PRO F 20 -6.14 -9.21 20.89
CA PRO F 20 -7.54 -9.30 20.32
C PRO F 20 -8.09 -8.10 19.50
N ASP F 21 -7.86 -6.88 19.99
CA ASP F 21 -8.20 -5.67 19.25
C ASP F 21 -7.51 -5.60 17.88
N GLY F 22 -6.25 -6.06 17.82
CA GLY F 22 -5.50 -6.13 16.57
C GLY F 22 -6.15 -7.06 15.56
N VAL F 23 -6.63 -8.21 16.04
CA VAL F 23 -7.32 -9.20 15.20
C VAL F 23 -8.67 -8.65 14.77
N GLN F 24 -9.43 -8.14 15.73
CA GLN F 24 -10.76 -7.56 15.49
C GLN F 24 -10.76 -6.39 14.50
N ARG F 25 -9.71 -5.57 14.52
CA ARG F 25 -9.61 -4.40 13.65
C ARG F 25 -8.97 -4.66 12.27
N GLY F 26 -8.46 -5.88 12.07
CA GLY F 26 -8.03 -6.34 10.75
C GLY F 26 -6.60 -6.00 10.41
N LEU F 27 -5.69 -6.16 11.37
CA LEU F 27 -4.30 -5.74 11.23
C LEU F 27 -3.31 -6.92 11.18
N VAL F 28 -3.82 -8.15 11.08
CA VAL F 28 -2.98 -9.34 11.16
C VAL F 28 -2.01 -9.38 9.99
N GLY F 29 -2.57 -9.26 8.79
CA GLY F 29 -1.77 -9.21 7.56
C GLY F 29 -0.83 -8.02 7.52
N GLU F 30 -1.35 -6.86 7.89
CA GLU F 30 -0.56 -5.63 7.92
C GLU F 30 0.66 -5.74 8.84
N ILE F 31 0.46 -6.31 10.02
CA ILE F 31 1.54 -6.50 11.00
C ILE F 31 2.56 -7.54 10.52
N ILE F 32 2.08 -8.69 10.08
CA ILE F 32 2.95 -9.75 9.55
C ILE F 32 3.80 -9.25 8.37
N LYS F 33 3.18 -8.47 7.49
CA LYS F 33 3.84 -7.87 6.32
C LYS F 33 5.08 -7.08 6.70
N ARG F 34 5.00 -6.34 7.81
CA ARG F 34 6.13 -5.50 8.28
C ARG F 34 7.35 -6.32 8.70
N PHE F 35 7.12 -7.44 9.39
CA PHE F 35 8.19 -8.36 9.74
C PHE F 35 8.78 -9.08 8.53
N GLU F 36 7.92 -9.44 7.58
CA GLU F 36 8.38 -10.08 6.34
C GLU F 36 9.26 -9.15 5.52
N GLN F 37 8.74 -7.96 5.19
CA GLN F 37 9.48 -7.00 4.35
C GLN F 37 10.74 -6.47 5.01
N LYS F 38 10.78 -6.48 6.34
CA LYS F 38 11.98 -6.12 7.10
C LYS F 38 13.13 -7.09 6.85
N GLY F 39 12.81 -8.39 6.70
CA GLY F 39 13.80 -9.43 6.46
C GLY F 39 13.78 -10.60 7.43
N PHE F 40 13.03 -10.48 8.52
CA PHE F 40 12.96 -11.53 9.54
C PHE F 40 12.20 -12.74 9.04
N ARG F 41 12.53 -13.90 9.60
CA ARG F 41 12.01 -15.20 9.16
C ARG F 41 10.90 -15.65 10.09
N LEU F 42 9.73 -15.99 9.54
CA LEU F 42 8.63 -16.51 10.33
C LEU F 42 8.95 -17.95 10.76
N VAL F 43 8.97 -18.17 12.06
CA VAL F 43 9.34 -19.48 12.65
C VAL F 43 8.11 -20.21 13.17
N GLY F 44 7.22 -19.49 13.86
CA GLY F 44 5.99 -20.05 14.39
C GLY F 44 4.82 -19.09 14.24
N LEU F 45 3.63 -19.64 14.11
CA LEU F 45 2.42 -18.86 13.91
C LEU F 45 1.20 -19.71 14.26
N LYS F 46 0.34 -19.18 15.11
CA LYS F 46 -0.89 -19.89 15.48
C LYS F 46 -1.94 -18.93 16.03
N PHE F 47 -3.19 -19.35 15.94
CA PHE F 47 -4.35 -18.53 16.25
C PHE F 47 -5.11 -19.26 17.34
N MET F 48 -5.22 -18.63 18.51
CA MET F 48 -5.73 -19.30 19.71
C MET F 48 -6.37 -18.31 20.65
N GLN F 49 -7.39 -18.77 21.37
CA GLN F 49 -7.89 -18.03 22.52
C GLN F 49 -7.08 -18.46 23.72
N ALA F 50 -6.34 -17.51 24.29
CA ALA F 50 -5.46 -17.78 25.43
C ALA F 50 -6.25 -17.90 26.73
N SER F 51 -5.90 -18.91 27.53
CA SER F 51 -6.49 -19.10 28.86
C SER F 51 -5.90 -18.10 29.84
N GLU F 52 -6.62 -17.84 30.93
CA GLU F 52 -6.17 -16.89 31.95
C GLU F 52 -4.90 -17.32 32.67
N ASP F 53 -4.72 -18.62 32.85
CA ASP F 53 -3.48 -19.16 33.46
C ASP F 53 -2.26 -18.91 32.58
N LEU F 54 -2.42 -19.04 31.26
CA LEU F 54 -1.37 -18.69 30.30
C LEU F 54 -1.03 -17.20 30.35
N LEU F 55 -2.07 -16.36 30.34
CA LEU F 55 -1.89 -14.90 30.36
C LEU F 55 -1.27 -14.40 31.67
N LYS F 56 -1.70 -14.97 32.79
CA LYS F 56 -1.16 -14.62 34.11
C LYS F 56 0.33 -14.98 34.26
N GLU F 57 0.74 -16.10 33.67
CA GLU F 57 2.14 -16.50 33.64
C GLU F 57 2.96 -15.61 32.72
N HIS F 58 2.40 -15.32 31.55
CA HIS F 58 3.04 -14.45 30.54
C HIS F 58 3.27 -13.03 31.07
N TYR F 59 2.25 -12.44 31.71
CA TYR F 59 2.36 -11.09 32.29
C TYR F 59 2.65 -11.12 33.81
N VAL F 60 3.46 -12.09 34.25
CA VAL F 60 3.71 -12.29 35.70
C VAL F 60 4.47 -11.13 36.37
N ASP F 61 5.34 -10.47 35.61
CA ASP F 61 6.05 -9.28 36.13
C ASP F 61 5.11 -8.11 36.45
N LEU F 62 3.95 -8.08 35.81
CA LEU F 62 2.91 -7.05 36.05
C LEU F 62 1.81 -7.50 37.01
N LYS F 63 1.98 -8.66 37.66
CA LYS F 63 0.99 -9.26 38.56
C LYS F 63 0.30 -8.30 39.56
N ASP F 64 1.09 -7.52 40.29
CA ASP F 64 0.56 -6.60 41.31
C ASP F 64 0.58 -5.13 40.81
N ARG F 65 0.01 -4.91 39.63
CA ARG F 65 -0.22 -3.59 39.06
C ARG F 65 -1.72 -3.34 39.05
N PRO F 66 -2.16 -2.07 39.15
CA PRO F 66 -3.60 -1.76 39.20
C PRO F 66 -4.41 -2.23 37.98
N PHE F 67 -3.78 -2.26 36.80
CA PHE F 67 -4.45 -2.68 35.55
C PHE F 67 -4.46 -4.18 35.29
N PHE F 68 -3.66 -4.96 36.04
CA PHE F 68 -3.41 -6.38 35.75
C PHE F 68 -4.66 -7.26 35.56
N ALA F 69 -5.69 -7.05 36.39
CA ALA F 69 -6.96 -7.76 36.26
C ALA F 69 -7.60 -7.48 34.89
N GLY F 70 -7.71 -6.19 34.56
CA GLY F 70 -8.29 -5.75 33.29
C GLY F 70 -7.49 -6.13 32.05
N LEU F 71 -6.16 -6.18 32.20
CA LEU F 71 -5.26 -6.69 31.15
C LEU F 71 -5.56 -8.15 30.81
N VAL F 72 -5.62 -8.99 31.84
CA VAL F 72 -5.91 -10.43 31.69
C VAL F 72 -7.29 -10.67 31.07
N LYS F 73 -8.26 -9.81 31.41
CA LYS F 73 -9.62 -9.92 30.87
C LYS F 73 -9.64 -9.57 29.38
N TYR F 74 -9.07 -8.40 29.06
CA TYR F 74 -8.92 -7.90 27.68
C TYR F 74 -8.25 -8.92 26.77
N MET F 75 -7.18 -9.52 27.26
CA MET F 75 -6.42 -10.51 26.49
C MET F 75 -7.13 -11.86 26.35
N HIS F 76 -8.04 -12.17 27.28
CA HIS F 76 -8.88 -13.37 27.21
C HIS F 76 -10.11 -13.17 26.32
N SER F 77 -10.52 -11.91 26.12
CA SER F 77 -11.81 -11.57 25.48
C SER F 77 -12.00 -12.06 24.04
N GLY F 78 -10.92 -12.07 23.26
CA GLY F 78 -10.94 -12.60 21.90
C GLY F 78 -9.71 -13.43 21.61
N PRO F 79 -9.58 -13.95 20.38
CA PRO F 79 -8.37 -14.68 20.00
C PRO F 79 -7.18 -13.78 19.70
N VAL F 80 -5.99 -14.36 19.80
CA VAL F 80 -4.74 -13.68 19.48
C VAL F 80 -3.97 -14.48 18.41
N VAL F 81 -3.16 -13.78 17.63
CA VAL F 81 -2.22 -14.43 16.72
C VAL F 81 -0.88 -14.45 17.44
N ALA F 82 -0.47 -15.63 17.89
CA ALA F 82 0.84 -15.83 18.50
C ALA F 82 1.85 -16.15 17.40
N MET F 83 3.03 -15.55 17.50
CA MET F 83 4.07 -15.68 16.47
C MET F 83 5.48 -15.79 17.05
N VAL F 84 6.39 -16.34 16.27
CA VAL F 84 7.82 -16.38 16.60
C VAL F 84 8.59 -16.00 15.34
N TRP F 85 9.46 -14.99 15.46
CA TRP F 85 10.25 -14.48 14.35
C TRP F 85 11.74 -14.60 14.66
N GLU F 86 12.53 -14.90 13.63
CA GLU F 86 13.98 -15.09 13.79
C GLU F 86 14.82 -14.05 13.03
N GLY F 87 15.91 -13.64 13.64
CA GLY F 87 16.94 -12.84 12.96
C GLY F 87 17.84 -12.05 13.90
N LEU F 88 18.85 -11.40 13.32
CA LEU F 88 19.80 -10.58 14.08
C LEU F 88 19.10 -9.45 14.85
N ASN F 89 19.25 -9.48 16.17
CA ASN F 89 18.63 -8.50 17.08
C ASN F 89 17.12 -8.37 16.85
N VAL F 90 16.46 -9.51 16.59
CA VAL F 90 15.03 -9.50 16.34
C VAL F 90 14.23 -9.03 17.56
N VAL F 91 14.73 -9.31 18.76
CA VAL F 91 14.06 -8.87 19.99
C VAL F 91 14.09 -7.34 20.12
N LYS F 92 15.28 -6.77 19.99
CA LYS F 92 15.44 -5.31 20.12
C LYS F 92 14.80 -4.57 18.96
N THR F 93 15.13 -4.98 17.73
CA THR F 93 14.55 -4.35 16.53
C THR F 93 13.04 -4.56 16.45
N GLY F 94 12.56 -5.73 16.86
CA GLY F 94 11.13 -6.02 16.93
C GLY F 94 10.41 -5.06 17.84
N ARG F 95 10.97 -4.84 19.02
CA ARG F 95 10.47 -3.80 19.94
C ARG F 95 10.41 -2.41 19.33
N VAL F 96 11.45 -2.04 18.59
CA VAL F 96 11.52 -0.74 17.90
C VAL F 96 10.41 -0.60 16.86
N MET F 97 10.20 -1.65 16.06
CA MET F 97 9.13 -1.69 15.05
C MET F 97 7.73 -1.59 15.65
N LEU F 98 7.54 -2.23 16.80
CA LEU F 98 6.28 -2.12 17.55
C LEU F 98 6.03 -0.68 18.02
N GLY F 99 7.10 -0.01 18.45
CA GLY F 99 7.01 1.33 19.02
C GLY F 99 6.84 1.22 20.52
N GLU F 100 6.68 2.35 21.19
CA GLU F 100 6.57 2.40 22.66
C GLU F 100 5.28 1.72 23.11
N THR F 101 5.31 1.07 24.26
CA THR F 101 4.18 0.30 24.79
C THR F 101 2.92 1.16 24.90
N ASN F 102 3.08 2.38 25.39
CA ASN F 102 2.03 3.39 25.31
C ASN F 102 2.00 3.96 23.89
N PRO F 103 0.88 3.83 23.17
CA PRO F 103 0.80 4.41 21.82
C PRO F 103 0.91 5.94 21.77
N ALA F 104 0.57 6.63 22.86
CA ALA F 104 0.80 8.06 23.01
C ALA F 104 2.25 8.46 22.72
N ASP F 105 3.20 7.63 23.14
CA ASP F 105 4.63 7.87 22.91
C ASP F 105 5.15 7.32 21.56
N SER F 106 4.40 6.40 20.96
CA SER F 106 4.84 5.69 19.75
C SER F 106 4.96 6.62 18.55
N LYS F 107 6.02 6.45 17.78
CA LYS F 107 6.30 7.29 16.63
C LYS F 107 5.55 6.80 15.39
N PRO F 108 5.13 7.73 14.51
CA PRO F 108 4.68 7.31 13.20
C PRO F 108 5.75 6.49 12.48
N GLY F 109 5.32 5.46 11.77
CA GLY F 109 6.21 4.44 11.21
C GLY F 109 6.20 3.13 11.98
N THR F 110 5.95 3.19 13.29
CA THR F 110 5.84 2.01 14.14
C THR F 110 4.41 1.45 14.08
N ILE F 111 4.26 0.18 14.44
CA ILE F 111 2.95 -0.51 14.39
C ILE F 111 1.93 0.17 15.30
N ARG F 112 2.28 0.34 16.57
CA ARG F 112 1.40 1.03 17.51
C ARG F 112 1.21 2.50 17.12
N GLY F 113 2.26 3.14 16.64
CA GLY F 113 2.21 4.53 16.22
C GLY F 113 1.28 4.76 15.05
N ASP F 114 1.27 3.82 14.11
CA ASP F 114 0.39 3.91 12.94
C ASP F 114 -1.04 3.45 13.21
N PHE F 115 -1.25 2.47 14.10
CA PHE F 115 -2.52 1.72 14.17
C PHE F 115 -3.35 1.75 15.48
N CYS F 116 -2.90 2.42 16.53
CA CYS F 116 -3.68 2.44 17.78
C CYS F 116 -3.42 3.67 18.65
N ILE F 117 -4.31 3.87 19.62
CA ILE F 117 -4.41 5.15 20.36
C ILE F 117 -4.17 5.02 21.87
N GLN F 118 -4.91 4.12 22.53
CA GLN F 118 -4.88 3.99 24.00
C GLN F 118 -4.01 2.82 24.44
N VAL F 119 -3.33 2.98 25.57
CA VAL F 119 -2.45 1.95 26.11
C VAL F 119 -3.18 0.63 26.42
N GLY F 120 -4.42 0.73 26.92
CA GLY F 120 -5.24 -0.44 27.22
C GLY F 120 -5.66 -1.28 26.03
N ARG F 121 -5.64 -0.67 24.84
CA ARG F 121 -5.93 -1.36 23.58
C ARG F 121 -4.80 -1.09 22.59
N ASN F 122 -3.64 -1.69 22.84
CA ASN F 122 -2.42 -1.40 22.06
C ASN F 122 -1.96 -2.53 21.12
N ILE F 123 -2.94 -3.29 20.61
CA ILE F 123 -2.84 -4.20 19.43
C ILE F 123 -1.75 -5.29 19.33
N ILE F 124 -0.63 -5.16 20.03
CA ILE F 124 0.51 -6.06 19.83
C ILE F 124 1.40 -6.14 21.07
N HIS F 125 2.00 -7.32 21.28
CA HIS F 125 3.06 -7.53 22.28
C HIS F 125 4.33 -8.02 21.60
N GLY F 126 5.48 -7.54 22.10
CA GLY F 126 6.79 -8.07 21.74
C GLY F 126 7.61 -8.37 22.99
N SER F 127 8.51 -9.35 22.90
CA SER F 127 9.39 -9.69 24.02
C SER F 127 10.39 -8.56 24.29
N ASP F 128 10.58 -8.22 25.56
CA ASP F 128 11.48 -7.12 25.97
C ASP F 128 12.96 -7.50 25.96
N SER F 129 13.25 -8.80 26.05
CA SER F 129 14.64 -9.30 26.07
C SER F 129 14.74 -10.75 25.59
N VAL F 130 15.99 -11.19 25.37
CA VAL F 130 16.28 -12.56 24.93
C VAL F 130 15.80 -13.55 25.99
N GLU F 131 16.04 -13.22 27.26
CA GLU F 131 15.54 -14.00 28.40
C GLU F 131 14.02 -14.17 28.37
N SER F 132 13.29 -13.05 28.28
CA SER F 132 11.82 -13.06 28.20
C SER F 132 11.33 -13.78 26.95
N ALA F 133 12.05 -13.61 25.85
CA ALA F 133 11.70 -14.23 24.58
C ALA F 133 11.67 -15.76 24.69
N GLU F 134 12.75 -16.34 25.21
CA GLU F 134 12.83 -17.80 25.37
C GLU F 134 11.81 -18.35 26.36
N LYS F 135 11.47 -17.58 27.38
CA LYS F 135 10.41 -17.97 28.33
C LYS F 135 9.04 -17.94 27.66
N GLU F 136 8.76 -16.85 26.95
CA GLU F 136 7.47 -16.66 26.26
C GLU F 136 7.28 -17.65 25.09
N ILE F 137 8.34 -17.91 24.33
CA ILE F 137 8.29 -18.92 23.25
C ILE F 137 7.94 -20.29 23.81
N GLY F 138 8.70 -20.73 24.82
CA GLY F 138 8.44 -21.99 25.53
C GLY F 138 7.04 -22.09 26.13
N LEU F 139 6.53 -20.96 26.60
CA LEU F 139 5.20 -20.87 27.20
C LEU F 139 4.05 -21.00 26.19
N TRP F 140 4.18 -20.32 25.05
CA TRP F 140 3.10 -20.25 24.03
C TRP F 140 3.14 -21.36 22.95
N PHE F 141 4.31 -21.97 22.73
CA PHE F 141 4.51 -22.95 21.66
C PHE F 141 5.11 -24.24 22.21
N HIS F 142 4.69 -25.37 21.66
CA HIS F 142 5.43 -26.64 21.80
C HIS F 142 6.60 -26.55 20.82
N PRO F 143 7.74 -27.20 21.12
CA PRO F 143 8.92 -27.12 20.20
C PRO F 143 8.68 -27.70 18.80
N GLU F 144 7.72 -28.62 18.71
CA GLU F 144 7.30 -29.29 17.47
C GLU F 144 6.63 -28.30 16.50
N GLU F 145 6.02 -27.24 17.03
CA GLU F 145 5.35 -26.20 16.24
C GLU F 145 6.26 -25.14 15.64
N LEU F 146 7.52 -25.09 16.05
CA LEU F 146 8.47 -24.09 15.54
C LEU F 146 9.25 -24.67 14.36
N VAL F 147 8.99 -24.13 13.17
CA VAL F 147 9.51 -24.69 11.92
C VAL F 147 10.89 -24.12 11.59
N ASP F 148 11.79 -25.00 11.16
CA ASP F 148 13.15 -24.65 10.80
C ASP F 148 13.28 -24.71 9.27
N TYR F 149 13.72 -23.60 8.66
CA TYR F 149 14.04 -23.57 7.22
C TYR F 149 14.94 -22.38 6.89
N THR F 150 15.50 -22.42 5.69
CA THR F 150 16.42 -21.38 5.20
C THR F 150 15.67 -20.45 4.25
N SER F 151 15.72 -19.15 4.53
CA SER F 151 15.18 -18.14 3.62
C SER F 151 16.02 -18.11 2.34
N CYS F 152 15.35 -18.09 1.19
CA CYS F 152 16.04 -17.99 -0.11
C CYS F 152 16.77 -16.65 -0.28
N ALA F 153 16.34 -15.63 0.47
CA ALA F 153 17.00 -14.31 0.49
C ALA F 153 18.04 -14.16 1.61
N GLN F 154 18.44 -15.24 2.28
CA GLN F 154 19.36 -15.17 3.44
C GLN F 154 20.72 -14.53 3.11
N ASN F 155 21.30 -14.90 1.96
CA ASN F 155 22.60 -14.35 1.53
C ASN F 155 22.53 -12.87 1.15
N TRP F 156 21.33 -12.36 0.88
CA TRP F 156 21.12 -10.93 0.63
C TRP F 156 20.63 -10.16 1.86
N ILE F 157 20.27 -10.85 2.94
CA ILE F 157 19.96 -10.24 4.23
C ILE F 157 21.19 -10.22 5.15
N TYR F 158 22.04 -11.25 5.07
CA TYR F 158 23.27 -11.36 5.88
C TYR F 158 24.50 -11.70 5.02
#